data_5ZFJ
#
_entry.id   5ZFJ
#
_cell.length_a   88.203
_cell.length_b   255.055
_cell.length_c   36.183
_cell.angle_alpha   90.00
_cell.angle_beta   90.00
_cell.angle_gamma   90.00
#
_symmetry.space_group_name_H-M   'P 21 21 2'
#
loop_
_entity.id
_entity.type
_entity.pdbx_description
1 polymer acyclase
2 non-polymer 'CALCIUM ION'
3 non-polymer 2-AMINO-2-HYDROXYMETHYL-PROPANE-1,3-DIOL
4 non-polymer 4-(1~{H}-indol-3-yl)butan-2-one
5 non-polymer GLYCEROL
6 non-polymer DI(HYDROXYETHYL)ETHER
7 water water
#
_entity_poly.entity_id   1
_entity_poly.type   'polypeptide(L)'
_entity_poly.pdbx_seq_one_letter_code
;MKRKLIVAVVCLIFICFGINTPAHATSVVSIPINNAGFEDPFIEVVDDYTVDTPPGWTTYNPNNLVPEKRTTWTSNNGVG
YVGPGTQFYNQLAPEGRNIGYIYLAQKPGSGVAGFEQILDATLEPDTNYTLKVDVGNLAGTFKGLSFAGFPGYRVELLAG
DTVLAADHNNLFIKEGEFKTSTVTYTSTAKDLHLGQKLGIRLVNLLQDKFSGLDFDNVRLTAEPTEA
;
_entity_poly.pdbx_strand_id   A,B,C,D
#
loop_
_chem_comp.id
_chem_comp.type
_chem_comp.name
_chem_comp.formula
9BF non-polymer 4-(1~{H}-indol-3-yl)butan-2-one 'C12 H13 N O'
CA non-polymer 'CALCIUM ION' 'Ca 2'
GOL non-polymer GLYCEROL 'C3 H8 O3'
PEG non-polymer DI(HYDROXYETHYL)ETHER 'C4 H10 O3'
TRS non-polymer 2-AMINO-2-HYDROXYMETHYL-PROPANE-1,3-DIOL 'C4 H12 N O3 1'
#
# COMPACT_ATOMS: atom_id res chain seq x y z
N SER A 27 -21.48 -7.04 42.23
CA SER A 27 -21.17 -5.60 42.43
C SER A 27 -20.70 -4.96 41.12
N VAL A 28 -19.71 -5.57 40.46
CA VAL A 28 -19.15 -5.10 39.19
C VAL A 28 -20.14 -5.38 38.05
N VAL A 29 -20.45 -4.34 37.27
CA VAL A 29 -21.39 -4.41 36.19
C VAL A 29 -20.66 -4.06 34.88
N SER A 30 -20.97 -4.78 33.80
CA SER A 30 -20.51 -4.44 32.44
C SER A 30 -21.36 -3.31 31.83
N ILE A 31 -20.71 -2.29 31.30
CA ILE A 31 -21.39 -1.25 30.56
C ILE A 31 -21.34 -1.62 29.08
N PRO A 32 -22.49 -1.75 28.41
CA PRO A 32 -22.46 -2.19 27.02
C PRO A 32 -21.88 -1.14 26.06
N ILE A 33 -21.12 -1.64 25.08
CA ILE A 33 -20.45 -0.83 24.09
C ILE A 33 -20.78 -1.44 22.72
N ASN A 34 -21.14 -0.64 21.70
CA ASN A 34 -21.46 -1.27 20.41
C ASN A 34 -20.16 -1.67 19.69
N ASN A 35 -20.17 -2.86 19.06
CA ASN A 35 -19.07 -3.27 18.19
C ASN A 35 -17.74 -3.11 18.94
N ALA A 36 -17.72 -3.60 20.18
CA ALA A 36 -16.66 -3.32 21.13
C ALA A 36 -15.37 -4.04 20.76
N GLY A 37 -15.46 -5.08 19.92
CA GLY A 37 -14.32 -5.79 19.42
C GLY A 37 -14.10 -5.66 17.92
N PHE A 38 -14.77 -4.65 17.31
CA PHE A 38 -14.63 -4.37 15.90
C PHE A 38 -14.92 -5.59 15.03
N GLU A 39 -15.82 -6.48 15.48
CA GLU A 39 -16.08 -7.73 14.78
C GLU A 39 -17.04 -7.51 13.60
N ASP A 40 -17.66 -6.32 13.52
CA ASP A 40 -18.35 -5.87 12.32
C ASP A 40 -17.56 -4.78 11.62
N PRO A 41 -17.38 -4.86 10.31
CA PRO A 41 -17.85 -5.95 9.46
C PRO A 41 -16.97 -7.22 9.49
N PHE A 42 -17.57 -8.33 9.06
CA PHE A 42 -16.82 -9.57 8.79
C PHE A 42 -15.78 -9.38 7.69
N ILE A 43 -14.57 -9.86 7.89
CA ILE A 43 -13.55 -9.82 6.88
C ILE A 43 -13.08 -11.25 6.56
N GLU A 44 -13.07 -11.60 5.27
CA GLU A 44 -12.84 -12.98 4.84
C GLU A 44 -11.35 -13.35 4.84
N VAL A 45 -10.51 -12.50 4.26
CA VAL A 45 -9.14 -12.86 3.96
C VAL A 45 -8.18 -12.27 4.99
N VAL A 46 -7.26 -13.10 5.49
CA VAL A 46 -6.31 -12.64 6.50
C VAL A 46 -5.54 -11.44 5.93
N ASP A 47 -5.38 -10.44 6.81
CA ASP A 47 -4.72 -9.18 6.65
C ASP A 47 -5.47 -8.19 5.77
N ASP A 48 -6.67 -8.52 5.32
CA ASP A 48 -7.50 -7.56 4.62
C ASP A 48 -8.07 -6.56 5.64
N TYR A 49 -8.59 -5.44 5.15
CA TYR A 49 -9.08 -4.39 6.03
C TYR A 49 -10.06 -3.48 5.28
N THR A 50 -10.87 -2.73 6.03
CA THR A 50 -11.72 -1.69 5.44
C THR A 50 -11.10 -0.31 5.68
N VAL A 51 -11.61 0.69 4.96
CA VAL A 51 -11.10 2.04 5.08
C VAL A 51 -12.26 2.97 5.48
N ASP A 52 -13.35 2.43 6.01
CA ASP A 52 -14.46 3.24 6.50
C ASP A 52 -14.61 3.08 8.01
N THR A 53 -15.16 4.13 8.66
CA THR A 53 -15.41 4.09 10.09
C THR A 53 -16.17 2.82 10.46
N PRO A 54 -15.71 2.02 11.44
CA PRO A 54 -16.45 0.81 11.80
C PRO A 54 -17.81 1.16 12.37
N PRO A 55 -18.83 0.34 12.04
CA PRO A 55 -20.17 0.59 12.54
C PRO A 55 -20.15 0.62 14.08
N GLY A 56 -20.99 1.51 14.63
CA GLY A 56 -21.11 1.75 16.04
C GLY A 56 -20.14 2.79 16.60
N TRP A 57 -19.13 3.15 15.82
CA TRP A 57 -18.10 4.11 16.23
C TRP A 57 -18.21 5.35 15.36
N THR A 58 -17.55 6.43 15.78
CA THR A 58 -17.34 7.57 14.92
C THR A 58 -15.84 7.84 14.86
N THR A 59 -15.44 8.65 13.89
CA THR A 59 -14.05 9.02 13.75
C THR A 59 -13.84 10.28 14.60
N TYR A 60 -12.94 10.16 15.57
CA TYR A 60 -12.48 11.28 16.35
C TYR A 60 -11.44 12.01 15.51
N ASN A 61 -11.69 13.30 15.23
CA ASN A 61 -11.02 13.96 14.14
C ASN A 61 -10.82 15.42 14.50
N PRO A 62 -10.23 15.73 15.68
CA PRO A 62 -10.10 17.12 16.12
C PRO A 62 -9.20 17.99 15.21
N ASN A 63 -8.35 17.38 14.38
CA ASN A 63 -7.45 18.15 13.53
C ASN A 63 -7.75 17.91 12.06
N ASN A 64 -8.94 17.35 11.77
CA ASN A 64 -9.37 17.07 10.41
C ASN A 64 -8.34 16.26 9.60
N LEU A 65 -7.55 15.39 10.23
CA LEU A 65 -6.50 14.67 9.52
C LEU A 65 -7.11 13.56 8.66
N VAL A 66 -8.27 13.04 9.06
CA VAL A 66 -8.84 11.91 8.36
C VAL A 66 -9.92 12.44 7.42
N PRO A 67 -9.82 12.16 6.11
CA PRO A 67 -10.78 12.69 5.15
C PRO A 67 -12.10 11.92 5.24
N GLU A 68 -13.17 12.57 4.81
CA GLU A 68 -14.45 11.92 4.82
C GLU A 68 -14.47 10.73 3.84
N LYS A 69 -13.84 10.89 2.68
CA LYS A 69 -13.77 9.83 1.67
C LYS A 69 -12.33 9.30 1.63
N ARG A 70 -12.16 8.04 2.04
CA ARG A 70 -10.83 7.51 2.24
C ARG A 70 -10.50 6.59 1.07
N THR A 71 -9.21 6.49 0.77
CA THR A 71 -8.66 5.49 -0.12
C THR A 71 -7.52 4.76 0.61
N THR A 72 -6.98 3.74 -0.06
CA THR A 72 -5.74 3.08 0.33
C THR A 72 -4.59 4.06 0.57
N TRP A 73 -4.61 5.24 -0.07
CA TRP A 73 -3.51 6.20 -0.05
C TRP A 73 -3.67 7.28 1.03
N THR A 74 -4.83 7.38 1.65
CA THR A 74 -5.06 8.50 2.58
C THR A 74 -4.95 8.03 4.02
N SER A 75 -4.94 9.00 4.94
CA SER A 75 -5.23 8.72 6.34
C SER A 75 -6.56 7.99 6.38
N ASN A 76 -6.69 6.97 7.23
CA ASN A 76 -7.91 6.17 7.25
C ASN A 76 -8.09 5.40 8.56
N ASN A 77 -9.31 4.95 8.78
CA ASN A 77 -9.54 4.00 9.83
C ASN A 77 -10.53 2.95 9.33
N GLY A 78 -10.69 1.92 10.15
CA GLY A 78 -11.42 0.73 9.71
C GLY A 78 -11.16 -0.44 10.62
N VAL A 79 -11.55 -1.63 10.15
CA VAL A 79 -11.25 -2.88 10.86
C VAL A 79 -10.27 -3.68 9.99
N GLY A 80 -9.53 -4.57 10.63
CA GLY A 80 -8.51 -5.40 9.96
C GLY A 80 -8.54 -6.79 10.59
N TYR A 81 -8.45 -7.83 9.75
CA TYR A 81 -8.55 -9.21 10.20
C TYR A 81 -7.16 -9.70 10.58
N VAL A 82 -6.92 -9.92 11.88
CA VAL A 82 -5.64 -10.42 12.40
C VAL A 82 -5.84 -11.92 12.68
N GLY A 83 -5.64 -12.70 11.64
CA GLY A 83 -6.05 -14.09 11.60
C GLY A 83 -4.83 -15.00 11.42
N PRO A 84 -5.04 -16.33 11.39
CA PRO A 84 -3.93 -17.26 11.21
C PRO A 84 -3.10 -16.91 9.96
N GLY A 85 -1.79 -16.74 10.16
CA GLY A 85 -0.85 -16.44 9.09
C GLY A 85 -0.69 -14.95 8.86
N THR A 86 -1.22 -14.11 9.76
CA THR A 86 -1.07 -12.65 9.68
C THR A 86 0.42 -12.35 9.49
N GLN A 87 0.69 -11.35 8.65
CA GLN A 87 2.02 -10.83 8.42
C GLN A 87 2.36 -9.74 9.43
N PHE A 88 1.43 -9.33 10.30
CA PHE A 88 1.54 -8.08 11.08
C PHE A 88 1.91 -8.25 12.57
N TYR A 89 1.59 -9.43 13.13
CA TYR A 89 1.64 -9.68 14.54
C TYR A 89 2.16 -11.10 14.79
N ASN A 90 2.65 -11.31 16.02
CA ASN A 90 3.13 -12.58 16.51
C ASN A 90 2.08 -13.23 17.39
N GLN A 91 0.84 -12.76 17.26
CA GLN A 91 -0.31 -13.34 17.95
C GLN A 91 -1.50 -13.07 17.03
N LEU A 92 -2.65 -13.64 17.36
CA LEU A 92 -3.92 -13.27 16.72
C LEU A 92 -4.54 -12.05 17.42
N ALA A 93 -5.66 -11.56 16.89
CA ALA A 93 -6.41 -10.47 17.50
C ALA A 93 -6.62 -10.81 18.97
N PRO A 94 -6.53 -9.80 19.88
CA PRO A 94 -6.87 -10.00 21.29
C PRO A 94 -8.26 -10.65 21.49
N GLU A 95 -9.19 -10.35 20.58
CA GLU A 95 -10.52 -10.88 20.68
C GLU A 95 -11.11 -11.13 19.28
N GLY A 96 -11.69 -12.32 19.08
CA GLY A 96 -12.30 -12.66 17.78
C GLY A 96 -11.32 -12.57 16.63
N ARG A 97 -11.80 -12.05 15.49
CA ARG A 97 -11.07 -12.03 14.24
C ARG A 97 -10.38 -10.68 14.01
N ASN A 98 -11.06 -9.60 14.39
CA ASN A 98 -10.68 -8.28 13.88
C ASN A 98 -10.09 -7.40 14.98
N ILE A 99 -9.37 -6.37 14.49
CA ILE A 99 -9.01 -5.21 15.29
C ILE A 99 -9.55 -3.95 14.60
N GLY A 100 -9.61 -2.85 15.35
CA GLY A 100 -9.87 -1.50 14.75
C GLY A 100 -8.56 -0.76 14.62
N TYR A 101 -8.28 -0.18 13.45
CA TYR A 101 -7.01 0.52 13.22
C TYR A 101 -7.26 1.97 12.86
N ILE A 102 -6.27 2.81 13.17
CA ILE A 102 -6.23 4.21 12.71
C ILE A 102 -4.85 4.45 12.14
N TYR A 103 -4.80 4.86 10.86
CA TYR A 103 -3.53 5.14 10.20
C TYR A 103 -3.54 6.60 9.77
N LEU A 104 -2.45 7.30 10.08
CA LEU A 104 -2.35 8.72 9.72
C LEU A 104 -1.15 8.92 8.79
N ALA A 105 -1.42 9.52 7.63
CA ALA A 105 -0.40 9.73 6.57
C ALA A 105 0.43 10.99 6.85
N GLN A 106 -0.13 11.94 7.61
CA GLN A 106 0.53 13.22 7.85
C GLN A 106 1.74 13.04 8.76
N LYS A 107 2.63 14.04 8.73
CA LYS A 107 3.87 13.89 9.46
C LYS A 107 3.63 13.98 10.96
N PRO A 108 4.57 13.43 11.74
CA PRO A 108 4.52 13.50 13.20
C PRO A 108 4.35 14.97 13.64
N GLY A 109 3.51 15.16 14.64
CA GLY A 109 3.19 16.48 15.15
C GLY A 109 1.96 17.14 14.53
N SER A 110 1.35 16.56 13.49
CA SER A 110 0.31 17.27 12.76
C SER A 110 -1.02 17.29 13.54
N GLY A 111 -1.19 16.44 14.56
CA GLY A 111 -2.44 16.33 15.27
C GLY A 111 -2.70 14.92 15.77
N VAL A 112 -3.94 14.64 16.17
CA VAL A 112 -4.32 13.29 16.55
C VAL A 112 -5.61 12.91 15.82
N ALA A 113 -5.95 11.62 15.85
CA ALA A 113 -7.23 11.14 15.37
C ALA A 113 -7.44 9.72 15.92
N GLY A 114 -8.69 9.26 15.90
CA GLY A 114 -8.96 7.89 16.29
C GLY A 114 -10.43 7.55 16.18
N PHE A 115 -10.89 6.81 17.19
CA PHE A 115 -12.24 6.36 17.32
C PHE A 115 -12.89 7.06 18.51
N GLU A 116 -14.19 7.29 18.39
CA GLU A 116 -14.96 7.76 19.51
C GLU A 116 -16.28 7.00 19.52
N GLN A 117 -16.77 6.71 20.73
CA GLN A 117 -18.10 6.16 20.91
C GLN A 117 -18.71 6.74 22.18
N ILE A 118 -19.84 7.42 22.00
CA ILE A 118 -20.63 7.90 23.12
C ILE A 118 -21.62 6.81 23.51
N LEU A 119 -21.70 6.55 24.82
CA LEU A 119 -22.49 5.47 25.35
C LEU A 119 -23.84 5.99 25.84
N ASP A 120 -24.74 5.04 26.11
CA ASP A 120 -26.04 5.29 26.73
C ASP A 120 -25.91 5.47 28.24
N ALA A 121 -25.03 4.70 28.87
CA ALA A 121 -24.73 4.81 30.26
C ALA A 121 -24.30 6.25 30.59
N THR A 122 -24.64 6.66 31.81
CA THR A 122 -24.29 7.98 32.33
C THR A 122 -23.47 7.82 33.60
N LEU A 123 -22.74 8.90 33.91
CA LEU A 123 -21.84 8.94 35.08
C LEU A 123 -22.67 8.91 36.36
N GLU A 124 -22.48 7.89 37.19
CA GLU A 124 -23.22 7.80 38.42
C GLU A 124 -22.28 8.07 39.59
N PRO A 125 -22.83 8.50 40.76
CA PRO A 125 -22.00 8.78 41.93
C PRO A 125 -21.41 7.54 42.63
N ASP A 126 -20.29 7.76 43.32
CA ASP A 126 -19.69 6.74 44.16
C ASP A 126 -19.52 5.42 43.39
N THR A 127 -18.95 5.57 42.18
CA THR A 127 -18.73 4.43 41.25
C THR A 127 -17.29 4.44 40.73
N ASN A 128 -16.64 3.26 40.74
CA ASN A 128 -15.33 3.08 40.16
C ASN A 128 -15.55 2.52 38.74
N TYR A 129 -15.09 3.26 37.76
CA TYR A 129 -15.11 2.85 36.38
C TYR A 129 -13.74 2.33 35.97
N THR A 130 -13.76 1.24 35.19
CA THR A 130 -12.54 0.63 34.70
C THR A 130 -12.70 0.34 33.21
N LEU A 131 -11.87 1.02 32.41
CA LEU A 131 -11.86 0.95 30.97
C LEU A 131 -10.58 0.24 30.54
N LYS A 132 -10.73 -0.85 29.79
CA LYS A 132 -9.62 -1.55 29.25
C LYS A 132 -9.74 -1.70 27.74
N VAL A 133 -8.59 -1.59 27.07
CA VAL A 133 -8.55 -1.75 25.65
C VAL A 133 -7.19 -2.37 25.35
N ASP A 134 -7.16 -3.27 24.37
CA ASP A 134 -5.89 -3.79 23.89
C ASP A 134 -5.36 -2.87 22.80
N VAL A 135 -4.05 -2.61 22.81
CA VAL A 135 -3.41 -1.70 21.92
C VAL A 135 -2.29 -2.44 21.22
N GLY A 136 -2.24 -2.28 19.90
CA GLY A 136 -1.36 -3.08 19.06
C GLY A 136 -0.36 -2.24 18.30
N ASN A 137 0.87 -2.76 18.21
CA ASN A 137 1.97 -2.15 17.46
C ASN A 137 2.25 -3.11 16.31
N LEU A 138 1.82 -2.70 15.13
CA LEU A 138 1.88 -3.54 13.93
C LEU A 138 3.35 -3.68 13.48
N ALA A 139 3.74 -4.87 13.05
CA ALA A 139 5.13 -5.22 12.70
C ALA A 139 5.22 -5.60 11.23
N GLY A 140 6.45 -5.59 10.69
CA GLY A 140 6.77 -6.18 9.40
C GLY A 140 7.07 -5.16 8.31
N THR A 141 7.08 -5.65 7.07
CA THR A 141 7.31 -4.86 5.87
C THR A 141 6.42 -5.40 4.74
N PHE A 142 6.28 -4.61 3.68
CA PHE A 142 5.70 -5.13 2.47
C PHE A 142 6.24 -4.33 1.28
N LYS A 143 7.01 -5.01 0.43
CA LYS A 143 7.53 -4.46 -0.85
C LYS A 143 8.12 -3.06 -0.69
N GLY A 144 8.90 -2.81 0.38
CA GLY A 144 9.45 -1.45 0.57
C GLY A 144 8.72 -0.63 1.64
N LEU A 145 7.43 -0.92 1.91
CA LEU A 145 6.70 -0.32 3.04
C LEU A 145 7.28 -0.88 4.34
N SER A 146 7.49 -0.03 5.35
CA SER A 146 7.99 -0.50 6.66
C SER A 146 6.97 -0.21 7.76
N PHE A 147 6.64 -1.19 8.61
CA PHE A 147 5.74 -0.98 9.73
C PHE A 147 6.50 -0.82 11.05
N ALA A 148 7.83 -0.76 11.01
CA ALA A 148 8.61 -0.48 12.21
C ALA A 148 8.19 0.86 12.79
N GLY A 149 8.19 0.96 14.12
CA GLY A 149 7.92 2.23 14.79
C GLY A 149 6.46 2.29 15.20
N PHE A 150 6.09 3.30 15.99
CA PHE A 150 4.81 3.29 16.66
C PHE A 150 4.45 4.75 16.93
N PRO A 151 3.17 5.19 16.72
CA PRO A 151 2.84 6.61 16.85
C PRO A 151 2.53 7.12 18.26
N GLY A 152 2.41 6.21 19.22
CA GLY A 152 1.85 6.53 20.52
C GLY A 152 0.32 6.45 20.53
N TYR A 153 -0.22 6.13 21.71
CA TYR A 153 -1.65 5.95 21.90
C TYR A 153 -2.09 6.76 23.12
N ARG A 154 -3.39 7.09 23.11
CA ARG A 154 -4.07 7.53 24.27
C ARG A 154 -5.49 6.93 24.28
N VAL A 155 -5.89 6.44 25.45
CA VAL A 155 -7.18 5.89 25.67
C VAL A 155 -7.84 6.84 26.67
N GLU A 156 -9.04 7.29 26.34
CA GLU A 156 -9.78 8.28 27.17
C GLU A 156 -11.16 7.75 27.57
N LEU A 157 -11.49 7.95 28.85
CA LEU A 157 -12.87 7.85 29.36
C LEU A 157 -13.45 9.25 29.50
N LEU A 158 -14.63 9.47 28.89
CA LEU A 158 -15.32 10.73 28.85
C LEU A 158 -16.59 10.68 29.71
N ALA A 159 -16.97 11.85 30.22
CA ALA A 159 -18.35 12.18 30.52
C ALA A 159 -18.68 13.49 29.82
N GLY A 160 -19.72 13.46 29.00
CA GLY A 160 -20.00 14.53 28.09
C GLY A 160 -18.75 14.84 27.27
N ASP A 161 -18.34 16.11 27.26
CA ASP A 161 -17.19 16.54 26.50
C ASP A 161 -15.92 16.49 27.36
N THR A 162 -16.02 16.10 28.63
CA THR A 162 -14.86 16.12 29.53
C THR A 162 -14.14 14.78 29.52
N VAL A 163 -12.81 14.83 29.41
CA VAL A 163 -11.98 13.66 29.62
C VAL A 163 -11.78 13.48 31.12
N LEU A 164 -12.46 12.47 31.68
CA LEU A 164 -12.38 12.18 33.08
C LEU A 164 -11.02 11.59 33.43
N ALA A 165 -10.56 10.66 32.59
CA ALA A 165 -9.31 9.97 32.82
C ALA A 165 -8.78 9.45 31.49
N ALA A 166 -7.45 9.32 31.42
CA ALA A 166 -6.86 8.85 30.21
C ALA A 166 -5.50 8.26 30.52
N ASP A 167 -5.15 7.26 29.71
CA ASP A 167 -3.83 6.68 29.63
C ASP A 167 -3.19 7.23 28.34
N HIS A 168 -2.27 8.18 28.51
CA HIS A 168 -1.49 8.73 27.43
C HIS A 168 -0.16 7.96 27.34
N ASN A 169 -0.16 6.84 26.61
CA ASN A 169 1.06 6.22 26.05
C ASN A 169 1.97 5.64 27.13
N ASN A 170 1.42 5.17 28.26
CA ASN A 170 2.26 4.67 29.36
C ASN A 170 2.84 3.27 29.09
N LEU A 171 2.16 2.45 28.29
CA LEU A 171 2.64 1.10 28.07
C LEU A 171 3.73 1.12 27.02
N PHE A 172 4.67 0.19 27.18
CA PHE A 172 5.59 -0.10 26.14
C PHE A 172 5.03 -1.27 25.32
N ILE A 173 4.90 -1.08 24.01
CA ILE A 173 4.31 -2.13 23.17
C ILE A 173 5.29 -2.52 22.07
N LYS A 174 5.77 -3.77 22.18
CA LYS A 174 6.77 -4.28 21.24
C LYS A 174 6.13 -4.44 19.87
N GLU A 175 6.97 -4.35 18.83
CA GLU A 175 6.55 -4.55 17.45
C GLU A 175 5.88 -5.94 17.36
N GLY A 176 4.64 -6.00 16.87
CA GLY A 176 3.96 -7.27 16.66
C GLY A 176 3.24 -7.85 17.87
N GLU A 177 3.00 -7.06 18.92
CA GLU A 177 2.16 -7.49 20.02
C GLU A 177 1.05 -6.48 20.32
N PHE A 178 0.13 -6.93 21.19
CA PHE A 178 -0.85 -6.11 21.87
C PHE A 178 -0.62 -6.15 23.37
N LYS A 179 -0.99 -5.06 24.03
CA LYS A 179 -1.00 -4.91 25.46
C LYS A 179 -2.32 -4.24 25.88
N THR A 180 -2.80 -4.61 27.06
CA THR A 180 -3.99 -4.02 27.64
C THR A 180 -3.66 -2.72 28.39
N SER A 181 -4.24 -1.60 27.92
CA SER A 181 -4.30 -0.33 28.61
C SER A 181 -5.49 -0.35 29.59
N THR A 182 -5.31 0.19 30.81
CA THR A 182 -6.39 0.27 31.81
C THR A 182 -6.54 1.72 32.28
N VAL A 183 -7.75 2.27 32.19
CA VAL A 183 -8.03 3.65 32.51
C VAL A 183 -9.10 3.61 33.58
N THR A 184 -8.91 4.38 34.65
CA THR A 184 -9.80 4.31 35.81
C THR A 184 -10.23 5.71 36.23
N TYR A 185 -11.48 5.78 36.67
CA TYR A 185 -12.03 6.97 37.23
C TYR A 185 -12.94 6.58 38.39
N THR A 186 -12.90 7.37 39.47
CA THR A 186 -13.83 7.13 40.57
C THR A 186 -14.63 8.42 40.76
N SER A 187 -15.96 8.33 40.64
CA SER A 187 -16.90 9.43 40.84
C SER A 187 -17.15 9.67 42.34
N THR A 188 -17.43 10.93 42.69
CA THR A 188 -17.85 11.33 44.02
C THR A 188 -19.36 11.61 44.01
N ALA A 189 -19.91 11.67 45.23
CA ALA A 189 -21.32 11.97 45.49
C ALA A 189 -21.79 13.21 44.74
N LYS A 190 -20.92 14.21 44.50
CA LYS A 190 -21.41 15.45 43.86
C LYS A 190 -20.54 15.88 42.66
N ASP A 191 -20.04 14.90 41.92
CA ASP A 191 -19.26 15.14 40.73
C ASP A 191 -20.02 16.11 39.81
N LEU A 192 -19.29 17.04 39.21
CA LEU A 192 -19.89 18.01 38.30
C LEU A 192 -20.55 17.34 37.08
N HIS A 193 -20.00 16.22 36.62
CA HIS A 193 -20.41 15.64 35.36
C HIS A 193 -21.49 14.58 35.56
N LEU A 194 -21.94 14.45 36.79
CA LEU A 194 -22.81 13.37 37.19
C LEU A 194 -23.99 13.37 36.22
N GLY A 195 -24.42 12.18 35.77
CA GLY A 195 -25.59 12.15 34.90
C GLY A 195 -25.28 12.43 33.44
N GLN A 196 -24.06 12.79 33.06
CA GLN A 196 -23.81 12.96 31.62
C GLN A 196 -23.37 11.63 30.98
N LYS A 197 -23.54 11.56 29.66
CA LYS A 197 -23.27 10.32 28.94
C LYS A 197 -21.78 9.98 28.97
N LEU A 198 -21.48 8.74 29.32
CA LEU A 198 -20.12 8.24 29.22
C LEU A 198 -19.72 8.11 27.75
N GLY A 199 -18.40 8.18 27.53
CA GLY A 199 -17.80 8.11 26.22
C GLY A 199 -16.42 7.50 26.27
N ILE A 200 -15.94 7.03 25.11
CA ILE A 200 -14.64 6.42 24.98
C ILE A 200 -13.97 7.00 23.76
N ARG A 201 -12.74 7.30 23.87
CA ARG A 201 -11.93 7.64 22.69
C ARG A 201 -10.67 6.78 22.69
N LEU A 202 -10.27 6.38 21.48
CA LEU A 202 -9.05 5.59 21.22
C LEU A 202 -8.23 6.39 20.21
N VAL A 203 -7.06 6.88 20.63
CA VAL A 203 -6.43 7.95 19.90
C VAL A 203 -5.05 7.53 19.41
N ASN A 204 -4.80 7.81 18.13
CA ASN A 204 -3.50 7.77 17.49
C ASN A 204 -2.85 9.15 17.73
N LEU A 205 -1.75 9.16 18.48
CA LEU A 205 -1.06 10.39 18.87
C LEU A 205 -0.16 10.98 17.77
N LEU A 206 0.13 10.23 16.70
CA LEU A 206 0.96 10.68 15.58
C LEU A 206 2.24 11.36 16.09
N GLN A 207 2.92 10.68 17.02
CA GLN A 207 4.17 11.19 17.62
C GLN A 207 5.40 10.63 16.89
N ASP A 208 5.22 9.61 16.07
CA ASP A 208 6.30 8.99 15.31
C ASP A 208 5.65 8.14 14.22
N LYS A 209 6.49 7.48 13.44
CA LYS A 209 6.12 6.59 12.31
C LYS A 209 6.83 5.26 12.54
N PHE A 210 6.33 4.16 11.99
CA PHE A 210 5.07 4.02 11.28
C PHE A 210 3.85 4.46 12.10
N SER A 211 2.98 5.29 11.53
CA SER A 211 1.94 5.94 12.35
C SER A 211 0.55 5.31 12.15
N GLY A 212 0.51 3.99 12.24
CA GLY A 212 -0.72 3.23 12.36
C GLY A 212 -0.72 2.53 13.70
N LEU A 213 -1.90 2.38 14.31
CA LEU A 213 -2.00 1.50 15.48
C LEU A 213 -3.42 0.96 15.58
N ASP A 214 -3.48 -0.13 16.32
CA ASP A 214 -4.65 -0.99 16.37
C ASP A 214 -5.21 -1.00 17.80
N PHE A 215 -6.52 -1.22 17.90
CA PHE A 215 -7.21 -1.39 19.15
C PHE A 215 -8.10 -2.63 19.09
N ASP A 216 -8.36 -3.25 20.26
CA ASP A 216 -9.32 -4.35 20.29
C ASP A 216 -9.87 -4.52 21.71
N ASN A 217 -11.02 -5.20 21.77
CA ASN A 217 -11.59 -5.74 23.00
C ASN A 217 -11.82 -4.62 24.02
N VAL A 218 -12.57 -3.59 23.63
CA VAL A 218 -12.88 -2.51 24.51
C VAL A 218 -13.87 -3.03 25.54
N ARG A 219 -13.56 -2.77 26.82
CA ARG A 219 -14.45 -3.19 27.90
C ARG A 219 -14.53 -2.08 28.96
N LEU A 220 -15.75 -1.83 29.46
CA LEU A 220 -15.94 -0.86 30.53
C LEU A 220 -16.79 -1.49 31.62
N THR A 221 -16.31 -1.40 32.87
CA THR A 221 -17.05 -1.90 34.03
C THR A 221 -17.31 -0.76 35.01
N ALA A 222 -18.38 -0.92 35.79
CA ALA A 222 -18.75 0.00 36.85
C ALA A 222 -18.96 -0.81 38.14
N GLU A 223 -18.36 -0.35 39.25
CA GLU A 223 -18.51 -0.97 40.57
C GLU A 223 -18.86 0.10 41.62
N PRO A 224 -19.99 0.03 42.35
CA PRO A 224 -20.24 0.99 43.44
C PRO A 224 -19.08 0.92 44.43
N THR A 225 -18.64 2.07 44.98
CA THR A 225 -17.44 2.12 45.82
C THR A 225 -17.71 1.53 47.21
N SER B 27 -17.13 2.55 -44.78
CA SER B 27 -17.66 1.18 -44.49
C SER B 27 -17.01 0.54 -43.25
N VAL B 28 -16.07 1.25 -42.61
CA VAL B 28 -15.46 0.78 -41.36
C VAL B 28 -16.56 0.79 -40.30
N VAL B 29 -16.71 -0.34 -39.61
CA VAL B 29 -17.79 -0.54 -38.66
C VAL B 29 -17.19 -0.84 -37.28
N SER B 30 -17.80 -0.30 -36.22
CA SER B 30 -17.41 -0.50 -34.82
C SER B 30 -18.07 -1.78 -34.28
N ILE B 31 -17.23 -2.68 -33.77
CA ILE B 31 -17.69 -3.87 -33.08
C ILE B 31 -17.96 -3.51 -31.62
N PRO B 32 -19.19 -3.68 -31.10
CA PRO B 32 -19.46 -3.31 -29.71
C PRO B 32 -18.68 -4.18 -28.72
N ILE B 33 -18.08 -3.47 -27.76
CA ILE B 33 -17.39 -4.04 -26.62
C ILE B 33 -18.07 -3.50 -25.37
N ASN B 34 -18.34 -4.36 -24.41
CA ASN B 34 -18.88 -3.91 -23.13
C ASN B 34 -17.79 -3.29 -22.26
N ASN B 35 -18.13 -2.14 -21.66
CA ASN B 35 -17.30 -1.41 -20.69
C ASN B 35 -15.89 -1.22 -21.28
N ALA B 36 -15.87 -0.70 -22.50
CA ALA B 36 -14.68 -0.69 -23.31
C ALA B 36 -13.65 0.33 -22.80
N GLY B 37 -14.11 1.32 -22.02
CA GLY B 37 -13.23 2.30 -21.44
C GLY B 37 -13.20 2.22 -19.91
N PHE B 38 -13.70 1.11 -19.36
CA PHE B 38 -13.67 0.80 -17.90
C PHE B 38 -14.38 1.90 -17.08
N GLU B 39 -15.38 2.56 -17.67
CA GLU B 39 -16.08 3.70 -17.04
C GLU B 39 -17.08 3.24 -16.00
N ASP B 40 -17.43 1.94 -16.00
CA ASP B 40 -18.19 1.28 -14.97
C ASP B 40 -17.27 0.42 -14.12
N PRO B 41 -17.29 0.61 -12.80
CA PRO B 41 -18.14 1.58 -12.12
C PRO B 41 -17.55 2.98 -12.02
N PHE B 42 -18.47 3.94 -11.87
CA PHE B 42 -18.17 5.30 -11.50
C PHE B 42 -17.36 5.29 -10.20
N ILE B 43 -16.25 6.03 -10.20
CA ILE B 43 -15.40 6.20 -9.02
C ILE B 43 -15.40 7.70 -8.72
N GLU B 44 -15.62 8.03 -7.45
CA GLU B 44 -15.82 9.43 -7.06
C GLU B 44 -14.48 10.10 -6.76
N VAL B 45 -13.58 9.35 -6.11
CA VAL B 45 -12.35 9.93 -5.58
C VAL B 45 -11.14 9.66 -6.49
N VAL B 46 -10.39 10.71 -6.83
CA VAL B 46 -9.22 10.57 -7.67
C VAL B 46 -8.24 9.60 -7.00
N ASP B 47 -7.70 8.68 -7.81
CA ASP B 47 -6.74 7.62 -7.46
C ASP B 47 -7.34 6.52 -6.59
N ASP B 48 -8.65 6.55 -6.34
CA ASP B 48 -9.34 5.44 -5.84
C ASP B 48 -9.54 4.42 -6.97
N TYR B 49 -9.84 3.18 -6.55
CA TYR B 49 -9.83 2.01 -7.43
C TYR B 49 -10.63 0.88 -6.78
N THR B 50 -11.18 -0.01 -7.60
CA THR B 50 -11.82 -1.21 -7.16
C THR B 50 -10.80 -2.35 -7.20
N VAL B 51 -11.13 -3.46 -6.53
CA VAL B 51 -10.27 -4.64 -6.53
C VAL B 51 -11.10 -5.86 -6.95
N ASP B 52 -12.08 -5.62 -7.83
CA ASP B 52 -12.89 -6.65 -8.43
C ASP B 52 -12.79 -6.52 -9.95
N THR B 53 -12.90 -7.67 -10.64
CA THR B 53 -12.87 -7.68 -12.11
C THR B 53 -13.81 -6.60 -12.64
N PRO B 54 -13.42 -5.73 -13.60
CA PRO B 54 -14.34 -4.76 -14.15
C PRO B 54 -15.55 -5.41 -14.82
N PRO B 55 -16.76 -4.87 -14.60
CA PRO B 55 -17.96 -5.33 -15.28
C PRO B 55 -17.74 -5.46 -16.79
N GLY B 56 -18.27 -6.55 -17.38
CA GLY B 56 -18.20 -6.81 -18.82
C GLY B 56 -16.95 -7.60 -19.22
N TRP B 57 -16.00 -7.69 -18.28
CA TRP B 57 -14.76 -8.37 -18.54
C TRP B 57 -14.62 -9.56 -17.58
N THR B 58 -13.73 -10.49 -17.94
CA THR B 58 -13.39 -11.60 -17.08
C THR B 58 -11.91 -11.48 -16.77
N THR B 59 -11.47 -12.12 -15.69
CA THR B 59 -10.04 -12.09 -15.36
C THR B 59 -9.35 -13.22 -16.17
N TYR B 60 -8.42 -12.85 -17.05
CA TYR B 60 -7.60 -13.81 -17.74
C TYR B 60 -6.50 -14.29 -16.81
N ASN B 61 -6.52 -15.59 -16.50
CA ASN B 61 -5.84 -16.12 -15.35
C ASN B 61 -5.24 -17.49 -15.65
N PRO B 62 -4.43 -17.64 -16.73
CA PRO B 62 -3.95 -18.96 -17.13
C PRO B 62 -3.02 -19.60 -16.07
N ASN B 63 -2.47 -18.83 -15.14
CA ASN B 63 -1.51 -19.33 -14.19
C ASN B 63 -2.05 -19.16 -12.78
N ASN B 64 -3.34 -18.85 -12.67
CA ASN B 64 -4.01 -18.70 -11.41
C ASN B 64 -3.31 -17.69 -10.47
N LEU B 65 -2.70 -16.62 -11.01
CA LEU B 65 -1.95 -15.66 -10.20
C LEU B 65 -2.91 -14.78 -9.40
N VAL B 66 -4.09 -14.51 -9.96
CA VAL B 66 -5.04 -13.60 -9.35
C VAL B 66 -6.06 -14.40 -8.55
N PRO B 67 -6.18 -14.17 -7.22
CA PRO B 67 -7.13 -14.89 -6.40
C PRO B 67 -8.56 -14.37 -6.60
N GLU B 68 -9.52 -15.20 -6.19
CA GLU B 68 -10.93 -14.83 -6.24
C GLU B 68 -11.23 -13.66 -5.30
N LYS B 69 -10.65 -13.66 -4.10
CA LYS B 69 -10.83 -12.53 -3.19
C LYS B 69 -9.51 -11.79 -3.07
N ARG B 70 -9.55 -10.51 -3.48
CA ARG B 70 -8.35 -9.76 -3.61
C ARG B 70 -8.21 -8.83 -2.42
N THR B 71 -6.96 -8.50 -2.11
CA THR B 71 -6.69 -7.48 -1.10
C THR B 71 -5.50 -6.65 -1.59
N THR B 72 -5.17 -5.62 -0.80
CA THR B 72 -4.00 -4.79 -1.02
C THR B 72 -2.73 -5.62 -1.15
N TRP B 73 -2.70 -6.75 -0.46
CA TRP B 73 -1.46 -7.47 -0.34
C TRP B 73 -1.36 -8.53 -1.43
N THR B 74 -2.39 -8.67 -2.26
CA THR B 74 -2.44 -9.78 -3.25
C THR B 74 -2.39 -9.19 -4.66
N SER B 75 -2.28 -10.09 -5.63
CA SER B 75 -2.51 -9.69 -7.03
C SER B 75 -3.97 -9.22 -7.13
N ASN B 76 -4.24 -8.30 -8.05
CA ASN B 76 -5.61 -7.83 -8.21
C ASN B 76 -5.79 -7.15 -9.58
N ASN B 77 -7.06 -6.97 -9.97
CA ASN B 77 -7.38 -6.09 -11.08
C ASN B 77 -8.69 -5.37 -10.73
N GLY B 78 -9.02 -4.39 -11.56
CA GLY B 78 -10.15 -3.53 -11.30
C GLY B 78 -10.09 -2.31 -12.18
N VAL B 79 -10.86 -1.29 -11.77
CA VAL B 79 -10.85 0.01 -12.45
C VAL B 79 -10.31 1.07 -11.49
N GLY B 80 -9.67 2.10 -12.07
CA GLY B 80 -9.14 3.16 -11.28
C GLY B 80 -9.46 4.50 -11.93
N TYR B 81 -9.57 5.53 -11.08
CA TYR B 81 -9.93 6.86 -11.55
C TYR B 81 -8.67 7.69 -11.70
N VAL B 82 -8.32 7.99 -12.95
CA VAL B 82 -7.22 8.88 -13.25
C VAL B 82 -7.84 10.24 -13.57
N GLY B 83 -8.01 11.04 -12.51
CA GLY B 83 -8.64 12.33 -12.62
C GLY B 83 -7.70 13.48 -12.28
N PRO B 84 -8.20 14.74 -12.32
CA PRO B 84 -7.33 15.87 -11.99
C PRO B 84 -6.76 15.74 -10.58
N GLY B 85 -5.44 15.87 -10.50
CA GLY B 85 -4.72 15.78 -9.23
C GLY B 85 -4.04 14.43 -9.05
N THR B 86 -4.23 13.54 -10.04
CA THR B 86 -3.75 12.18 -9.93
C THR B 86 -2.25 12.19 -9.63
N GLN B 87 -1.83 11.24 -8.79
CA GLN B 87 -0.43 11.10 -8.45
C GLN B 87 0.25 10.00 -9.29
N PHE B 88 -0.44 9.39 -10.25
CA PHE B 88 0.14 8.27 -11.03
C PHE B 88 0.58 8.61 -12.45
N TYR B 89 -0.01 9.66 -13.05
CA TYR B 89 0.21 9.93 -14.45
C TYR B 89 0.49 11.42 -14.65
N ASN B 90 1.15 11.74 -15.76
CA ASN B 90 1.34 13.11 -16.23
C ASN B 90 0.27 13.48 -17.28
N GLN B 91 -0.87 12.78 -17.28
CA GLN B 91 -1.97 13.03 -18.16
C GLN B 91 -3.22 12.53 -17.42
N LEU B 92 -4.40 12.83 -17.96
CA LEU B 92 -5.62 12.20 -17.48
C LEU B 92 -5.77 10.86 -18.23
N ALA B 93 -6.80 10.11 -17.86
CA ALA B 93 -7.13 8.87 -18.52
C ALA B 93 -7.23 9.12 -20.03
N PRO B 94 -6.83 8.13 -20.87
CA PRO B 94 -7.02 8.27 -22.31
C PRO B 94 -8.46 8.57 -22.76
N GLU B 95 -9.44 8.07 -22.00
CA GLU B 95 -10.84 8.25 -22.29
C GLU B 95 -11.62 8.29 -20.99
N GLY B 96 -12.56 9.25 -20.89
CA GLY B 96 -13.39 9.41 -19.66
C GLY B 96 -12.54 9.56 -18.41
N ARG B 97 -13.03 8.92 -17.33
CA ARG B 97 -12.47 9.03 -15.99
C ARG B 97 -11.48 7.91 -15.65
N ASN B 98 -11.82 6.70 -16.07
CA ASN B 98 -11.26 5.50 -15.44
C ASN B 98 -10.36 4.73 -16.41
N ILE B 99 -9.46 3.94 -15.82
CA ILE B 99 -8.68 2.94 -16.55
C ILE B 99 -8.94 1.58 -15.91
N GLY B 100 -8.58 0.51 -16.62
CA GLY B 100 -8.60 -0.82 -16.04
C GLY B 100 -7.18 -1.25 -15.74
N TYR B 101 -6.93 -1.76 -14.54
CA TYR B 101 -5.53 -2.05 -14.12
C TYR B 101 -5.43 -3.55 -13.80
N ILE B 102 -4.21 -4.08 -13.91
CA ILE B 102 -3.87 -5.41 -13.43
C ILE B 102 -2.55 -5.28 -12.71
N TYR B 103 -2.52 -5.72 -11.46
CA TYR B 103 -1.33 -5.66 -10.64
C TYR B 103 -1.00 -7.08 -10.18
N LEU B 104 0.24 -7.52 -10.37
CA LEU B 104 0.65 -8.88 -10.01
C LEU B 104 1.72 -8.81 -8.92
N ALA B 105 1.44 -9.46 -7.79
CA ALA B 105 2.29 -9.43 -6.62
C ALA B 105 3.43 -10.46 -6.72
N GLN B 106 3.26 -11.52 -7.50
CA GLN B 106 4.24 -12.60 -7.63
C GLN B 106 5.49 -12.08 -8.33
N LYS B 107 6.58 -12.84 -8.24
CA LYS B 107 7.82 -12.34 -8.79
C LYS B 107 7.80 -12.45 -10.31
N PRO B 108 8.64 -11.62 -10.98
CA PRO B 108 8.78 -11.69 -12.44
C PRO B 108 9.04 -13.13 -12.87
N GLY B 109 8.41 -13.56 -13.95
CA GLY B 109 8.58 -14.91 -14.48
C GLY B 109 7.52 -15.89 -14.00
N SER B 110 6.62 -15.50 -13.09
CA SER B 110 5.67 -16.41 -12.46
C SER B 110 4.48 -16.76 -13.35
N GLY B 111 4.29 -16.01 -14.44
CA GLY B 111 3.15 -16.23 -15.33
C GLY B 111 2.57 -14.90 -15.83
N VAL B 112 1.35 -14.93 -16.35
CA VAL B 112 0.74 -13.72 -16.89
C VAL B 112 -0.70 -13.69 -16.38
N ALA B 113 -1.33 -12.51 -16.39
CA ALA B 113 -2.78 -12.42 -16.12
C ALA B 113 -3.27 -11.10 -16.71
N GLY B 114 -4.59 -10.98 -16.88
CA GLY B 114 -5.14 -9.70 -17.26
C GLY B 114 -6.65 -9.77 -17.44
N PHE B 115 -7.12 -9.15 -18.52
CA PHE B 115 -8.54 -9.07 -18.80
C PHE B 115 -8.80 -9.86 -20.09
N GLU B 116 -9.98 -10.47 -20.16
CA GLU B 116 -10.46 -11.04 -21.39
C GLU B 116 -11.91 -10.60 -21.61
N GLN B 117 -12.27 -10.42 -22.87
CA GLN B 117 -13.69 -10.29 -23.20
C GLN B 117 -13.97 -10.97 -24.54
N ILE B 118 -14.95 -11.85 -24.54
CA ILE B 118 -15.44 -12.55 -25.73
C ILE B 118 -16.64 -11.76 -26.27
N LEU B 119 -16.58 -11.43 -27.56
CA LEU B 119 -17.56 -10.56 -28.17
C LEU B 119 -18.70 -11.38 -28.78
N ASP B 120 -19.78 -10.69 -29.16
CA ASP B 120 -20.88 -11.29 -29.92
C ASP B 120 -20.53 -11.41 -31.41
N ALA B 121 -19.77 -10.46 -31.97
CA ALA B 121 -19.36 -10.56 -33.35
C ALA B 121 -18.52 -11.82 -33.58
N THR B 122 -18.54 -12.28 -34.84
CA THR B 122 -17.81 -13.47 -35.25
C THR B 122 -16.90 -13.07 -36.41
N LEU B 123 -15.85 -13.90 -36.59
CA LEU B 123 -14.87 -13.65 -37.62
C LEU B 123 -15.54 -13.88 -38.99
N GLU B 124 -15.36 -12.90 -39.87
CA GLU B 124 -15.94 -12.87 -41.19
C GLU B 124 -14.82 -12.88 -42.22
N PRO B 125 -15.10 -13.44 -43.42
CA PRO B 125 -14.08 -13.54 -44.46
C PRO B 125 -13.77 -12.15 -45.02
N ASP B 126 -12.58 -12.01 -45.60
CA ASP B 126 -12.18 -10.84 -46.36
C ASP B 126 -12.55 -9.54 -45.62
N THR B 127 -12.12 -9.50 -44.34
CA THR B 127 -12.35 -8.38 -43.44
C THR B 127 -11.01 -7.95 -42.81
N ASN B 128 -10.76 -6.63 -42.76
CA ASN B 128 -9.64 -6.05 -42.03
C ASN B 128 -10.12 -5.67 -40.64
N TYR B 129 -9.45 -6.24 -39.63
CA TYR B 129 -9.79 -5.96 -38.23
C TYR B 129 -8.69 -5.07 -37.66
N THR B 130 -9.10 -4.08 -36.88
CA THR B 130 -8.18 -3.16 -36.27
C THR B 130 -8.53 -3.01 -34.78
N LEU B 131 -7.63 -3.45 -33.90
CA LEU B 131 -7.86 -3.42 -32.47
C LEU B 131 -6.88 -2.38 -31.88
N LYS B 132 -7.42 -1.39 -31.15
CA LYS B 132 -6.61 -0.37 -30.52
C LYS B 132 -6.92 -0.33 -29.02
N VAL B 133 -5.85 -0.19 -28.22
CA VAL B 133 -6.01 -0.10 -26.78
C VAL B 133 -4.89 0.80 -26.29
N ASP B 134 -5.20 1.65 -25.31
CA ASP B 134 -4.14 2.50 -24.70
C ASP B 134 -3.57 1.73 -23.50
N VAL B 135 -2.27 1.74 -23.39
CA VAL B 135 -1.56 1.02 -22.38
C VAL B 135 -0.78 2.05 -21.56
N GLY B 136 -0.87 1.91 -20.24
CA GLY B 136 -0.30 2.92 -19.37
C GLY B 136 0.71 2.34 -18.40
N ASN B 137 1.76 3.15 -18.15
CA ASN B 137 2.81 2.85 -17.23
C ASN B 137 2.69 3.81 -16.05
N LEU B 138 2.18 3.29 -14.94
CA LEU B 138 1.90 4.06 -13.73
C LEU B 138 3.23 4.56 -13.14
N ALA B 139 3.24 5.79 -12.62
CA ALA B 139 4.50 6.44 -12.17
C ALA B 139 4.38 6.85 -10.70
N GLY B 140 5.53 7.10 -10.08
CA GLY B 140 5.59 7.79 -8.80
C GLY B 140 5.97 6.86 -7.67
N THR B 141 5.39 7.13 -6.49
CA THR B 141 5.91 6.57 -5.29
C THR B 141 4.88 6.76 -4.17
N PHE B 142 4.85 5.82 -3.22
CA PHE B 142 4.01 6.00 -2.05
C PHE B 142 4.73 5.45 -0.82
N LYS B 143 5.25 6.33 0.04
CA LYS B 143 5.75 5.94 1.36
C LYS B 143 6.77 4.79 1.28
N GLY B 144 7.72 4.84 0.34
CA GLY B 144 8.69 3.73 0.25
C GLY B 144 8.35 2.69 -0.82
N LEU B 145 7.09 2.63 -1.25
CA LEU B 145 6.71 1.81 -2.39
C LEU B 145 7.06 2.61 -3.66
N SER B 146 7.76 1.99 -4.61
CA SER B 146 8.08 2.67 -5.88
C SER B 146 7.26 2.09 -7.04
N PHE B 147 6.77 2.97 -7.92
CA PHE B 147 6.03 2.51 -9.07
C PHE B 147 6.94 2.50 -10.30
N ALA B 148 8.23 2.77 -10.09
CA ALA B 148 9.14 2.78 -11.19
C ALA B 148 9.14 1.38 -11.81
N GLY B 149 9.30 1.34 -13.13
CA GLY B 149 9.40 0.08 -13.84
C GLY B 149 8.06 -0.30 -14.44
N PHE B 150 8.07 -1.38 -15.22
CA PHE B 150 6.88 -1.75 -15.99
C PHE B 150 6.97 -3.24 -16.30
N PRO B 151 5.88 -4.02 -16.27
CA PRO B 151 5.98 -5.48 -16.41
C PRO B 151 5.96 -6.01 -17.84
N GLY B 152 5.74 -5.11 -18.82
CA GLY B 152 5.42 -5.50 -20.20
C GLY B 152 3.95 -5.82 -20.40
N TYR B 153 3.49 -5.62 -21.63
CA TYR B 153 2.08 -5.84 -21.97
C TYR B 153 1.98 -6.72 -23.21
N ARG B 154 0.83 -7.37 -23.39
CA ARG B 154 0.47 -7.94 -24.66
C ARG B 154 -1.02 -7.67 -24.90
N VAL B 155 -1.36 -7.24 -26.12
CA VAL B 155 -2.74 -7.07 -26.53
C VAL B 155 -3.03 -8.12 -27.59
N GLU B 156 -4.09 -8.90 -27.39
CA GLU B 156 -4.44 -10.03 -28.26
C GLU B 156 -5.82 -9.84 -28.87
N LEU B 157 -5.91 -10.14 -30.18
CA LEU B 157 -7.19 -10.38 -30.85
C LEU B 157 -7.36 -11.88 -31.08
N LEU B 158 -8.51 -12.40 -30.64
CA LEU B 158 -8.83 -13.81 -30.68
C LEU B 158 -9.93 -14.07 -31.72
N ALA B 159 -9.96 -15.30 -32.24
CA ALA B 159 -11.17 -15.94 -32.71
C ALA B 159 -11.28 -17.29 -32.02
N GLY B 160 -12.39 -17.52 -31.32
CA GLY B 160 -12.47 -18.70 -30.47
C GLY B 160 -11.34 -18.65 -29.46
N ASP B 161 -10.53 -19.69 -29.35
CA ASP B 161 -9.41 -19.54 -28.42
C ASP B 161 -8.08 -19.51 -29.17
N THR B 162 -8.11 -19.12 -30.45
CA THR B 162 -6.89 -18.84 -31.19
C THR B 162 -6.55 -17.35 -31.09
N VAL B 163 -5.29 -17.07 -30.79
CA VAL B 163 -4.76 -15.73 -30.94
C VAL B 163 -4.40 -15.48 -32.40
N LEU B 164 -5.25 -14.69 -33.06
CA LEU B 164 -5.09 -14.35 -34.47
C LEU B 164 -3.91 -13.41 -34.66
N ALA B 165 -3.81 -12.39 -33.79
CA ALA B 165 -2.76 -11.40 -33.86
C ALA B 165 -2.56 -10.80 -32.47
N ALA B 166 -1.32 -10.41 -32.16
CA ALA B 166 -1.01 -9.80 -30.88
C ALA B 166 0.22 -8.91 -31.00
N ASP B 167 0.15 -7.81 -30.25
CA ASP B 167 1.26 -6.93 -30.02
C ASP B 167 1.85 -7.34 -28.66
N HIS B 168 3.02 -7.99 -28.70
CA HIS B 168 3.73 -8.36 -27.48
C HIS B 168 4.79 -7.31 -27.16
N ASN B 169 4.39 -6.26 -26.44
CA ASN B 169 5.30 -5.32 -25.76
C ASN B 169 6.18 -4.53 -26.73
N ASN B 170 5.66 -4.14 -27.91
CA ASN B 170 6.50 -3.48 -28.91
C ASN B 170 6.67 -1.98 -28.63
N LEU B 171 5.72 -1.39 -27.91
CA LEU B 171 5.74 0.08 -27.67
C LEU B 171 6.58 0.40 -26.43
N PHE B 172 7.37 1.46 -26.51
CA PHE B 172 7.98 1.99 -25.31
C PHE B 172 7.00 2.95 -24.62
N ILE B 173 6.67 2.68 -23.35
CA ILE B 173 5.73 3.50 -22.61
C ILE B 173 6.46 4.14 -21.43
N LYS B 174 6.67 5.46 -21.51
CA LYS B 174 7.38 6.17 -20.46
C LYS B 174 6.57 6.13 -19.17
N GLU B 175 7.27 6.28 -18.04
CA GLU B 175 6.62 6.39 -16.73
C GLU B 175 5.62 7.54 -16.76
N GLY B 176 4.38 7.29 -16.36
CA GLY B 176 3.41 8.34 -16.24
C GLY B 176 2.74 8.74 -17.55
N GLU B 177 2.79 7.87 -18.58
CA GLU B 177 2.08 8.08 -19.86
C GLU B 177 1.35 6.81 -20.31
N PHE B 178 0.43 7.00 -21.27
CA PHE B 178 -0.27 5.99 -22.03
C PHE B 178 0.13 6.11 -23.51
N LYS B 179 0.21 4.95 -24.16
CA LYS B 179 0.44 4.90 -25.61
C LYS B 179 -0.57 3.94 -26.25
N THR B 180 -0.95 4.22 -27.49
CA THR B 180 -1.93 3.38 -28.16
C THR B 180 -1.23 2.20 -28.86
N SER B 181 -1.64 0.97 -28.51
CA SER B 181 -1.25 -0.29 -29.14
C SER B 181 -2.27 -0.58 -30.25
N THR B 182 -1.78 -0.96 -31.44
CA THR B 182 -2.61 -1.31 -32.57
C THR B 182 -2.27 -2.72 -33.02
N VAL B 183 -3.31 -3.55 -33.09
CA VAL B 183 -3.20 -4.93 -33.56
C VAL B 183 -4.12 -5.06 -34.78
N THR B 184 -3.56 -5.66 -35.84
CA THR B 184 -4.23 -5.84 -37.13
C THR B 184 -4.32 -7.32 -37.50
N TYR B 185 -5.44 -7.67 -38.13
CA TYR B 185 -5.60 -8.96 -38.76
C TYR B 185 -6.51 -8.82 -39.98
N THR B 186 -6.12 -9.46 -41.07
CA THR B 186 -6.96 -9.59 -42.25
C THR B 186 -7.35 -11.06 -42.44
N SER B 187 -8.67 -11.31 -42.47
CA SER B 187 -9.24 -12.62 -42.79
C SER B 187 -9.32 -12.83 -44.32
N THR B 188 -9.12 -14.08 -44.72
CA THR B 188 -9.30 -14.53 -46.09
C THR B 188 -10.63 -15.27 -46.21
N ALA B 189 -10.99 -15.64 -47.44
CA ALA B 189 -12.28 -16.24 -47.72
C ALA B 189 -12.37 -17.64 -47.09
N LYS B 190 -11.23 -18.29 -46.82
CA LYS B 190 -11.27 -19.68 -46.33
C LYS B 190 -10.54 -19.86 -44.99
N ASP B 191 -10.46 -18.80 -44.19
CA ASP B 191 -9.83 -18.83 -42.85
C ASP B 191 -10.41 -19.99 -42.02
N LEU B 192 -9.56 -20.77 -41.35
CA LEU B 192 -10.09 -21.87 -40.53
C LEU B 192 -11.04 -21.38 -39.43
N HIS B 193 -10.88 -20.15 -38.92
CA HIS B 193 -11.64 -19.70 -37.73
C HIS B 193 -12.86 -18.84 -38.08
N LEU B 194 -13.26 -18.82 -39.34
CA LEU B 194 -14.45 -18.06 -39.73
C LEU B 194 -15.62 -18.51 -38.87
N GLY B 195 -16.45 -17.55 -38.45
CA GLY B 195 -17.67 -17.85 -37.70
C GLY B 195 -17.42 -18.05 -36.21
N GLN B 196 -16.15 -18.10 -35.78
CA GLN B 196 -15.90 -18.21 -34.36
C GLN B 196 -15.98 -16.82 -33.72
N LYS B 197 -16.36 -16.77 -32.44
CA LYS B 197 -16.51 -15.50 -31.72
C LYS B 197 -15.18 -14.75 -31.59
N LEU B 198 -15.21 -13.45 -31.84
CA LEU B 198 -14.07 -12.62 -31.61
C LEU B 198 -13.91 -12.43 -30.10
N GLY B 199 -12.67 -12.11 -29.71
CA GLY B 199 -12.31 -11.86 -28.37
C GLY B 199 -11.12 -10.94 -28.27
N ILE B 200 -10.96 -10.41 -27.07
CA ILE B 200 -9.85 -9.53 -26.79
C ILE B 200 -9.16 -9.95 -25.48
N ARG B 201 -7.89 -9.93 -25.45
CA ARG B 201 -7.18 -10.09 -24.15
C ARG B 201 -6.19 -8.95 -24.02
N LEU B 202 -6.06 -8.45 -22.74
CA LEU B 202 -5.16 -7.38 -22.34
C LEU B 202 -4.31 -7.96 -21.22
N VAL B 203 -3.00 -8.12 -21.45
CA VAL B 203 -2.27 -9.07 -20.64
C VAL B 203 -1.11 -8.31 -19.96
N ASN B 204 -0.99 -8.54 -18.65
CA ASN B 204 0.19 -8.14 -17.88
C ASN B 204 1.21 -9.29 -17.98
N LEU B 205 2.40 -9.01 -18.52
CA LEU B 205 3.38 -10.04 -18.80
C LEU B 205 4.22 -10.44 -17.59
N LEU B 206 4.18 -9.68 -16.50
CA LEU B 206 4.98 -9.91 -15.29
C LEU B 206 6.43 -10.22 -15.65
N GLN B 207 7.05 -9.35 -16.46
CA GLN B 207 8.43 -9.55 -16.89
C GLN B 207 9.37 -8.68 -16.07
N ASP B 208 8.81 -7.80 -15.23
CA ASP B 208 9.63 -6.90 -14.40
C ASP B 208 8.69 -6.23 -13.40
N LYS B 209 9.23 -5.39 -12.51
CA LYS B 209 8.44 -4.66 -11.54
C LYS B 209 8.82 -3.19 -11.64
N PHE B 210 7.98 -2.25 -11.18
CA PHE B 210 6.69 -2.44 -10.55
C PHE B 210 5.76 -3.14 -11.55
N SER B 211 5.09 -4.24 -11.13
CA SER B 211 4.36 -5.12 -12.06
C SER B 211 2.86 -4.79 -12.09
N GLY B 212 2.53 -3.51 -12.21
CA GLY B 212 1.18 -3.03 -12.47
C GLY B 212 1.17 -2.40 -13.85
N LEU B 213 0.06 -2.53 -14.57
CA LEU B 213 -0.13 -1.74 -15.76
C LEU B 213 -1.62 -1.59 -16.06
N ASP B 214 -1.87 -0.58 -16.92
CA ASP B 214 -3.20 -0.04 -17.07
C ASP B 214 -3.55 -0.16 -18.55
N PHE B 215 -4.85 -0.23 -18.84
CA PHE B 215 -5.39 -0.19 -20.16
C PHE B 215 -6.56 0.79 -20.22
N ASP B 216 -6.86 1.34 -21.39
CA ASP B 216 -8.08 2.16 -21.56
C ASP B 216 -8.45 2.25 -23.04
N ASN B 217 -9.72 2.59 -23.28
CA ASN B 217 -10.21 3.01 -24.58
C ASN B 217 -10.01 1.90 -25.62
N VAL B 218 -10.54 0.72 -25.30
CA VAL B 218 -10.46 -0.40 -26.21
C VAL B 218 -11.42 -0.16 -27.38
N ARG B 219 -10.91 -0.32 -28.60
CA ARG B 219 -11.73 -0.12 -29.78
C ARG B 219 -11.38 -1.21 -30.81
N LEU B 220 -12.43 -1.77 -31.41
CA LEU B 220 -12.31 -2.74 -32.48
C LEU B 220 -13.23 -2.37 -33.65
N THR B 221 -12.61 -2.22 -34.83
CA THR B 221 -13.31 -1.96 -36.07
C THR B 221 -13.05 -3.10 -37.05
N ALA B 222 -14.00 -3.24 -37.98
CA ALA B 222 -14.05 -4.22 -39.05
C ALA B 222 -14.42 -3.49 -40.34
N GLU B 223 -13.73 -3.86 -41.42
CA GLU B 223 -13.94 -3.25 -42.69
C GLU B 223 -13.86 -4.33 -43.78
N PRO B 224 -14.87 -4.47 -44.66
CA PRO B 224 -14.72 -5.24 -45.90
C PRO B 224 -13.41 -4.87 -46.60
N THR B 225 -12.66 -5.87 -47.05
CA THR B 225 -11.29 -5.73 -47.57
C THR B 225 -11.29 -5.00 -48.92
N SER C 27 21.25 -0.83 37.54
CA SER C 27 21.56 0.20 36.51
C SER C 27 20.54 1.37 36.48
N VAL C 28 19.59 1.42 37.42
CA VAL C 28 18.60 2.51 37.54
C VAL C 28 19.27 3.79 38.06
N VAL C 29 18.98 4.93 37.42
CA VAL C 29 19.66 6.18 37.66
C VAL C 29 18.64 7.27 38.01
N SER C 30 18.96 8.14 38.97
CA SER C 30 18.13 9.29 39.28
C SER C 30 18.45 10.44 38.34
N ILE C 31 17.41 11.04 37.73
CA ILE C 31 17.54 12.23 36.92
C ILE C 31 17.33 13.46 37.79
N PRO C 32 18.31 14.40 37.83
CA PRO C 32 18.20 15.59 38.67
C PRO C 32 17.09 16.55 38.20
N ILE C 33 16.26 16.97 39.16
CA ILE C 33 15.22 17.92 39.00
C ILE C 33 15.46 19.00 40.04
N ASN C 34 15.25 20.26 39.68
CA ASN C 34 15.41 21.35 40.63
C ASN C 34 14.16 21.46 41.51
N ASN C 35 14.39 21.72 42.81
CA ASN C 35 13.35 22.02 43.73
C ASN C 35 12.24 20.97 43.55
N ALA C 36 12.64 19.70 43.60
CA ALA C 36 11.77 18.58 43.19
C ALA C 36 10.70 18.29 44.26
N GLY C 37 10.94 18.75 45.49
CA GLY C 37 10.01 18.61 46.60
C GLY C 37 9.41 19.92 47.07
N PHE C 38 9.58 20.97 46.26
CA PHE C 38 9.08 22.31 46.55
C PHE C 38 9.51 22.79 47.93
N GLU C 39 10.68 22.35 48.39
CA GLU C 39 11.18 22.74 49.73
C GLU C 39 11.72 24.18 49.77
N ASP C 40 12.03 24.77 48.61
CA ASP C 40 12.41 26.16 48.47
C ASP C 40 11.21 26.98 47.98
N PRO C 41 10.75 27.97 48.74
CA PRO C 41 11.36 28.47 49.96
C PRO C 41 10.87 27.87 51.29
N PHE C 42 11.74 27.93 52.29
CA PHE C 42 11.42 27.53 53.64
C PHE C 42 10.28 28.41 54.15
N ILE C 43 9.29 27.79 54.79
CA ILE C 43 8.17 28.47 55.38
C ILE C 43 8.13 28.08 56.87
N GLU C 44 8.03 29.08 57.75
CA GLU C 44 8.16 28.88 59.19
C GLU C 44 6.82 28.45 59.80
N VAL C 45 5.71 29.02 59.33
CA VAL C 45 4.40 28.86 59.99
C VAL C 45 3.52 27.86 59.25
N VAL C 46 2.99 26.88 60.00
CA VAL C 46 2.20 25.79 59.41
C VAL C 46 1.02 26.41 58.65
N ASP C 47 0.80 25.91 57.41
CA ASP C 47 -0.31 26.27 56.52
C ASP C 47 -0.11 27.67 55.91
N ASP C 48 1.04 28.31 56.16
CA ASP C 48 1.41 29.45 55.37
C ASP C 48 1.86 28.97 53.99
N TYR C 49 1.91 29.89 53.04
CA TYR C 49 2.16 29.59 51.65
C TYR C 49 2.66 30.81 50.88
N THR C 50 3.28 30.58 49.72
CA THR C 50 3.66 31.64 48.80
C THR C 50 2.59 31.79 47.71
N VAL C 51 2.67 32.89 46.96
CA VAL C 51 1.81 33.10 45.79
C VAL C 51 2.63 33.30 44.50
N ASP C 52 3.93 33.03 44.55
CA ASP C 52 4.81 33.14 43.39
C ASP C 52 5.28 31.76 42.92
N THR C 53 5.60 31.67 41.63
CA THR C 53 6.06 30.43 41.03
C THR C 53 7.22 29.88 41.85
N PRO C 54 7.21 28.59 42.25
CA PRO C 54 8.36 28.02 42.95
C PRO C 54 9.64 28.17 42.16
N PRO C 55 10.76 28.51 42.85
CA PRO C 55 12.07 28.49 42.24
C PRO C 55 12.28 27.14 41.53
N GLY C 56 12.90 27.23 40.35
CA GLY C 56 13.31 26.12 39.56
C GLY C 56 12.20 25.63 38.64
N TRP C 57 10.97 26.10 38.85
CA TRP C 57 9.82 25.73 38.04
C TRP C 57 9.36 26.94 37.24
N THR C 58 8.55 26.73 36.19
CA THR C 58 7.82 27.80 35.55
C THR C 58 6.33 27.46 35.59
N THR C 59 5.52 28.48 35.39
CA THR C 59 4.09 28.34 35.43
C THR C 59 3.65 27.91 34.03
N TYR C 60 3.10 26.70 33.93
CA TYR C 60 2.53 26.18 32.72
C TYR C 60 1.19 26.88 32.53
N ASN C 61 1.07 27.65 31.44
CA ASN C 61 -0.05 28.58 31.33
C ASN C 61 -0.57 28.60 29.90
N PRO C 62 -1.01 27.46 29.31
CA PRO C 62 -1.43 27.45 27.91
C PRO C 62 -2.71 28.24 27.63
N ASN C 63 -3.56 28.44 28.64
CA ASN C 63 -4.84 29.16 28.44
C ASN C 63 -4.85 30.51 29.16
N ASN C 64 -3.70 30.98 29.64
CA ASN C 64 -3.63 32.28 30.27
C ASN C 64 -4.47 32.42 31.53
N LEU C 65 -4.64 31.34 32.30
CA LEU C 65 -5.49 31.45 33.48
C LEU C 65 -4.74 32.10 34.65
N VAL C 66 -3.41 32.00 34.66
CA VAL C 66 -2.64 32.52 35.78
C VAL C 66 -2.00 33.83 35.33
N PRO C 67 -2.30 34.95 36.04
CA PRO C 67 -1.65 36.24 35.76
C PRO C 67 -0.25 36.36 36.35
N GLU C 68 0.57 37.26 35.77
CA GLU C 68 1.96 37.47 36.17
C GLU C 68 2.01 38.00 37.61
N LYS C 69 1.05 38.86 37.94
CA LYS C 69 0.89 39.44 39.27
C LYS C 69 -0.32 38.78 39.92
N ARG C 70 -0.06 38.02 40.99
CA ARG C 70 -1.06 37.20 41.67
C ARG C 70 -1.42 37.84 43.02
N THR C 71 -2.64 37.59 43.50
CA THR C 71 -3.11 38.14 44.75
C THR C 71 -3.97 37.12 45.51
N THR C 72 -5.08 37.64 46.07
CA THR C 72 -6.02 36.90 46.91
C THR C 72 -7.02 36.18 46.01
N TRP C 73 -7.74 36.96 45.20
CA TRP C 73 -8.86 36.44 44.43
C TRP C 73 -8.38 35.88 43.07
N THR C 74 -7.07 35.78 42.81
CA THR C 74 -6.56 35.36 41.48
C THR C 74 -6.13 33.89 41.49
N SER C 75 -6.17 33.26 40.31
CA SER C 75 -5.43 32.04 40.11
C SER C 75 -3.99 32.28 40.56
N ASN C 76 -3.42 31.27 41.23
CA ASN C 76 -2.02 31.37 41.63
C ASN C 76 -1.42 29.98 41.80
N ASN C 77 -0.10 29.97 41.95
CA ASN C 77 0.65 28.80 42.33
C ASN C 77 1.70 29.28 43.32
N GLY C 78 2.34 28.34 44.00
CA GLY C 78 3.25 28.65 45.10
C GLY C 78 3.63 27.38 45.83
N VAL C 79 4.29 27.53 46.98
CA VAL C 79 4.50 26.42 47.85
C VAL C 79 3.73 26.65 49.14
N GLY C 80 3.52 25.58 49.91
CA GLY C 80 2.74 25.62 51.15
C GLY C 80 3.28 24.63 52.18
N TYR C 81 3.32 25.03 53.45
CA TYR C 81 3.95 24.25 54.50
C TYR C 81 2.87 23.36 55.10
N VAL C 82 2.91 22.06 54.78
CA VAL C 82 1.95 21.10 55.32
C VAL C 82 2.64 20.43 56.50
N GLY C 83 2.54 21.08 57.66
CA GLY C 83 3.26 20.67 58.86
C GLY C 83 2.29 20.29 59.99
N PRO C 84 2.85 20.10 61.22
CA PRO C 84 2.12 19.40 62.27
C PRO C 84 0.82 20.15 62.55
N GLY C 85 -0.30 19.43 62.52
CA GLY C 85 -1.61 20.00 62.79
C GLY C 85 -2.16 20.78 61.62
N THR C 86 -1.64 20.53 60.42
CA THR C 86 -2.20 21.20 59.24
C THR C 86 -3.73 21.07 59.21
N GLN C 87 -4.39 22.12 58.72
CA GLN C 87 -5.84 22.18 58.64
C GLN C 87 -6.37 21.53 57.35
N PHE C 88 -5.47 21.17 56.43
CA PHE C 88 -5.88 20.89 55.05
C PHE C 88 -5.79 19.41 54.68
N TYR C 89 -5.14 18.61 55.54
CA TYR C 89 -4.76 17.22 55.26
C TYR C 89 -4.81 16.39 56.54
N ASN C 90 -4.90 15.08 56.37
CA ASN C 90 -4.92 14.11 57.45
C ASN C 90 -3.51 13.54 57.61
N GLN C 91 -2.53 14.16 56.96
CA GLN C 91 -1.17 13.67 56.99
C GLN C 91 -0.25 14.87 56.80
N LEU C 92 1.04 14.68 57.11
CA LEU C 92 2.05 15.63 56.75
C LEU C 92 2.31 15.60 55.23
N ALA C 93 3.13 16.53 54.75
CA ALA C 93 3.60 16.51 53.36
C ALA C 93 4.18 15.15 53.03
N PRO C 94 4.01 14.67 51.78
CA PRO C 94 4.66 13.43 51.35
C PRO C 94 6.16 13.45 51.62
N GLU C 95 6.78 14.62 51.44
CA GLU C 95 8.23 14.75 51.51
C GLU C 95 8.55 16.13 52.12
N GLY C 96 9.47 16.14 53.09
CA GLY C 96 9.86 17.33 53.84
C GLY C 96 8.69 18.11 54.38
N ARG C 97 8.80 19.44 54.28
CA ARG C 97 7.88 20.37 54.89
C ARG C 97 6.77 20.80 53.91
N ASN C 98 7.12 20.98 52.63
CA ASN C 98 6.28 21.75 51.74
C ASN C 98 5.69 20.88 50.62
N ILE C 99 4.62 21.41 50.04
CA ILE C 99 4.09 20.97 48.75
C ILE C 99 4.06 22.18 47.80
N GLY C 100 3.90 21.90 46.51
CA GLY C 100 3.59 22.91 45.49
C GLY C 100 2.11 22.89 45.18
N TYR C 101 1.48 24.06 45.12
CA TYR C 101 0.03 24.11 44.87
C TYR C 101 -0.28 24.92 43.61
N ILE C 102 -1.44 24.64 43.00
CA ILE C 102 -2.00 25.36 41.86
C ILE C 102 -3.48 25.55 42.15
N TYR C 103 -3.89 26.83 42.23
CA TYR C 103 -5.26 27.20 42.48
C TYR C 103 -5.72 28.05 41.29
N LEU C 104 -6.85 27.63 40.70
CA LEU C 104 -7.42 28.27 39.52
C LEU C 104 -8.81 28.79 39.86
N ALA C 105 -8.99 30.10 39.64
CA ALA C 105 -10.18 30.84 40.10
C ALA C 105 -11.26 30.75 39.02
N GLN C 106 -10.87 30.55 37.76
CA GLN C 106 -11.82 30.46 36.65
C GLN C 106 -12.74 29.24 36.83
N LYS C 107 -13.90 29.29 36.16
CA LYS C 107 -14.85 28.21 36.34
C LYS C 107 -14.37 26.94 35.62
N PRO C 108 -14.92 25.78 36.01
CA PRO C 108 -14.54 24.49 35.42
C PRO C 108 -14.77 24.50 33.91
N GLY C 109 -13.80 23.95 33.18
CA GLY C 109 -13.83 23.94 31.74
C GLY C 109 -13.09 25.10 31.12
N SER C 110 -12.52 26.02 31.92
CA SER C 110 -11.90 27.25 31.34
C SER C 110 -10.49 26.96 30.80
N GLY C 111 -9.96 25.76 31.09
CA GLY C 111 -8.64 25.40 30.60
C GLY C 111 -7.81 24.75 31.71
N VAL C 112 -6.50 24.76 31.57
CA VAL C 112 -5.62 24.12 32.53
C VAL C 112 -4.41 25.02 32.84
N ALA C 113 -3.70 24.70 33.92
CA ALA C 113 -2.47 25.39 34.25
C ALA C 113 -1.76 24.53 35.30
N GLY C 114 -0.48 24.80 35.51
CA GLY C 114 0.19 24.21 36.63
C GLY C 114 1.66 24.56 36.59
N PHE C 115 2.52 23.54 36.77
CA PHE C 115 3.94 23.72 36.79
C PHE C 115 4.59 23.02 35.60
N GLU C 116 5.70 23.60 35.12
CA GLU C 116 6.55 22.96 34.14
C GLU C 116 8.01 23.09 34.53
N GLN C 117 8.81 22.06 34.23
CA GLN C 117 10.25 22.18 34.33
C GLN C 117 10.94 21.39 33.20
N ILE C 118 11.76 22.08 32.43
CA ILE C 118 12.63 21.45 31.44
C ILE C 118 13.94 21.07 32.12
N LEU C 119 14.37 19.83 31.90
CA LEU C 119 15.54 19.25 32.55
C LEU C 119 16.77 19.38 31.63
N ASP C 120 17.95 19.17 32.21
CA ASP C 120 19.20 19.09 31.45
C ASP C 120 19.36 17.74 30.73
N ALA C 121 18.96 16.64 31.36
CA ALA C 121 18.98 15.34 30.72
C ALA C 121 18.13 15.35 29.42
N THR C 122 18.56 14.51 28.47
CA THR C 122 17.92 14.40 27.19
C THR C 122 17.42 12.96 27.02
N LEU C 123 16.46 12.78 26.12
CA LEU C 123 15.94 11.46 25.87
C LEU C 123 17.02 10.60 25.19
N GLU C 124 17.26 9.41 25.77
CA GLU C 124 18.22 8.46 25.31
C GLU C 124 17.51 7.18 24.85
N PRO C 125 18.15 6.40 23.96
CA PRO C 125 17.50 5.20 23.41
C PRO C 125 17.52 4.04 24.40
N ASP C 126 16.60 3.11 24.16
CA ASP C 126 16.45 1.85 24.87
C ASP C 126 16.53 2.09 26.37
N THR C 127 15.70 3.04 26.83
CA THR C 127 15.68 3.48 28.22
C THR C 127 14.24 3.51 28.73
N ASN C 128 14.05 2.90 29.91
CA ASN C 128 12.80 2.93 30.66
C ASN C 128 12.81 4.12 31.64
N TYR C 129 11.90 5.07 31.42
CA TYR C 129 11.73 6.22 32.30
C TYR C 129 10.52 6.00 33.20
N THR C 130 10.70 6.33 34.48
CA THR C 130 9.64 6.26 35.46
C THR C 130 9.54 7.61 36.19
N LEU C 131 8.44 8.33 35.97
CA LEU C 131 8.17 9.56 36.67
C LEU C 131 7.14 9.31 37.76
N LYS C 132 7.49 9.67 39.01
CA LYS C 132 6.56 9.63 40.10
C LYS C 132 6.37 11.01 40.73
N VAL C 133 5.13 11.27 41.09
CA VAL C 133 4.71 12.49 41.68
C VAL C 133 3.57 12.19 42.66
N ASP C 134 3.62 12.79 43.85
CA ASP C 134 2.54 12.72 44.84
C ASP C 134 1.57 13.84 44.55
N VAL C 135 0.28 13.49 44.47
CA VAL C 135 -0.77 14.40 44.17
C VAL C 135 -1.72 14.46 45.38
N GLY C 136 -2.10 15.70 45.75
CA GLY C 136 -2.85 15.99 46.98
C GLY C 136 -4.20 16.63 46.70
N ASN C 137 -5.21 16.10 47.40
CA ASN C 137 -6.54 16.64 47.40
C ASN C 137 -6.74 17.39 48.74
N LEU C 138 -6.69 18.72 48.73
CA LEU C 138 -6.92 19.53 49.96
C LEU C 138 -8.30 19.27 50.54
N ALA C 139 -8.38 19.21 51.87
CA ALA C 139 -9.64 19.03 52.58
C ALA C 139 -9.88 20.21 53.53
N GLY C 140 -11.09 20.29 54.07
CA GLY C 140 -11.38 21.18 55.20
C GLY C 140 -12.01 22.49 54.77
N THR C 141 -11.76 23.50 55.60
CA THR C 141 -12.39 24.81 55.54
C THR C 141 -11.35 25.87 55.91
N PHE C 142 -11.48 27.03 55.25
CA PHE C 142 -10.58 28.14 55.43
C PHE C 142 -11.48 29.36 55.27
N LYS C 143 -11.93 29.94 56.39
CA LYS C 143 -12.55 31.23 56.32
C LYS C 143 -13.90 31.12 55.62
N GLY C 144 -14.67 30.09 55.97
CA GLY C 144 -16.04 29.88 55.44
C GLY C 144 -16.09 29.29 54.04
N LEU C 145 -14.93 28.91 53.49
CA LEU C 145 -14.78 28.35 52.14
C LEU C 145 -14.50 26.85 52.27
N SER C 146 -15.31 26.03 51.58
CA SER C 146 -15.15 24.58 51.59
C SER C 146 -14.07 24.18 50.58
N PHE C 147 -13.16 23.29 50.98
CA PHE C 147 -12.17 22.74 50.03
C PHE C 147 -12.60 21.37 49.50
N ALA C 148 -13.87 21.00 49.75
CA ALA C 148 -14.44 19.78 49.18
C ALA C 148 -14.41 19.84 47.65
N GLY C 149 -14.12 18.68 47.04
CA GLY C 149 -14.06 18.53 45.60
C GLY C 149 -12.61 18.57 45.13
N PHE C 150 -12.38 18.34 43.84
CA PHE C 150 -11.04 18.17 43.37
C PHE C 150 -11.04 18.47 41.88
N PRO C 151 -10.06 19.21 41.31
CA PRO C 151 -10.19 19.62 39.92
C PRO C 151 -9.72 18.58 38.90
N GLY C 152 -9.09 17.48 39.38
CA GLY C 152 -8.41 16.52 38.54
C GLY C 152 -6.99 16.97 38.24
N TYR C 153 -6.12 16.01 37.98
CA TYR C 153 -4.71 16.24 37.73
C TYR C 153 -4.27 15.56 36.43
N ARG C 154 -3.16 16.05 35.86
CA ARG C 154 -2.42 15.32 34.88
C ARG C 154 -0.93 15.54 35.13
N VAL C 155 -0.19 14.42 35.06
CA VAL C 155 1.26 14.43 35.18
C VAL C 155 1.81 14.01 33.82
N GLU C 156 2.72 14.80 33.26
CA GLU C 156 3.25 14.61 31.92
C GLU C 156 4.78 14.47 31.95
N LEU C 157 5.30 13.48 31.21
CA LEU C 157 6.73 13.46 30.89
C LEU C 157 6.89 13.94 29.43
N LEU C 158 7.76 14.94 29.25
CA LEU C 158 8.00 15.56 27.97
C LEU C 158 9.36 15.18 27.40
N ALA C 159 9.46 15.34 26.08
CA ALA C 159 10.72 15.43 25.36
C ALA C 159 10.58 16.52 24.32
N GLY C 160 11.36 17.60 24.45
CA GLY C 160 11.02 18.84 23.77
C GLY C 160 9.62 19.28 24.16
N ASP C 161 8.77 19.53 23.16
CA ASP C 161 7.39 19.91 23.49
C ASP C 161 6.41 18.78 23.16
N THR C 162 6.91 17.54 23.08
CA THR C 162 6.07 16.36 22.90
C THR C 162 5.80 15.73 24.26
N VAL C 163 4.53 15.48 24.56
CA VAL C 163 4.19 14.65 25.70
C VAL C 163 4.40 13.18 25.32
N LEU C 164 5.48 12.59 25.83
CA LEU C 164 5.77 11.21 25.59
C LEU C 164 4.78 10.31 26.33
N ALA C 165 4.46 10.68 27.57
CA ALA C 165 3.54 9.88 28.38
C ALA C 165 2.90 10.75 29.46
N ALA C 166 1.67 10.42 29.81
CA ALA C 166 1.01 11.14 30.88
C ALA C 166 -0.03 10.26 31.58
N ASP C 167 -0.18 10.54 32.89
CA ASP C 167 -1.28 10.07 33.70
C ASP C 167 -2.31 11.20 33.81
N HIS C 168 -3.40 11.08 33.06
CA HIS C 168 -4.51 12.01 33.16
C HIS C 168 -5.54 11.45 34.15
N ASN C 169 -5.33 11.74 35.43
CA ASN C 169 -6.40 11.68 36.43
C ASN C 169 -6.89 10.26 36.73
N ASN C 170 -6.01 9.25 36.65
CA ASN C 170 -6.41 7.87 36.83
C ASN C 170 -6.59 7.49 38.31
N LEU C 171 -5.91 8.20 39.21
CA LEU C 171 -5.95 7.81 40.61
C LEU C 171 -7.19 8.41 41.26
N PHE C 172 -7.69 7.70 42.27
CA PHE C 172 -8.71 8.26 43.12
C PHE C 172 -8.08 8.80 44.40
N ILE C 173 -8.21 10.11 44.62
CA ILE C 173 -7.55 10.75 45.78
C ILE C 173 -8.60 11.30 46.75
N LYS C 174 -8.62 10.70 47.94
CA LYS C 174 -9.61 11.09 48.93
C LYS C 174 -9.27 12.48 49.47
N GLU C 175 -10.29 13.15 50.00
CA GLU C 175 -10.13 14.49 50.57
C GLU C 175 -9.11 14.37 51.72
N GLY C 176 -8.06 15.19 51.69
CA GLY C 176 -7.14 15.22 52.79
C GLY C 176 -6.03 14.21 52.66
N GLU C 177 -5.85 13.60 51.47
CA GLU C 177 -4.75 12.66 51.29
C GLU C 177 -3.94 13.00 50.02
N PHE C 178 -2.77 12.36 49.93
CA PHE C 178 -1.89 12.34 48.77
C PHE C 178 -1.82 10.90 48.23
N LYS C 179 -1.62 10.78 46.92
CA LYS C 179 -1.43 9.47 46.32
C LYS C 179 -0.31 9.63 45.29
N THR C 180 0.45 8.56 45.04
CA THR C 180 1.56 8.62 44.09
C THR C 180 1.06 8.25 42.69
N SER C 181 1.23 9.18 41.76
CA SER C 181 1.07 8.99 40.33
C SER C 181 2.37 8.44 39.73
N THR C 182 2.26 7.43 38.86
CA THR C 182 3.41 6.88 38.16
C THR C 182 3.19 6.97 36.66
N VAL C 183 4.12 7.62 35.94
CA VAL C 183 4.09 7.79 34.51
C VAL C 183 5.34 7.08 33.96
N THR C 184 5.17 6.34 32.86
CA THR C 184 6.26 5.53 32.32
C THR C 184 6.34 5.74 30.82
N TYR C 185 7.58 5.78 30.32
CA TYR C 185 7.84 5.81 28.89
C TYR C 185 9.06 4.94 28.61
N THR C 186 9.02 4.25 27.46
CA THR C 186 10.15 3.46 27.02
C THR C 186 10.54 3.86 25.60
N SER C 187 11.80 4.26 25.45
CA SER C 187 12.34 4.74 24.20
C SER C 187 12.81 3.52 23.40
N THR C 188 12.80 3.65 22.08
CA THR C 188 13.33 2.64 21.18
C THR C 188 14.62 3.22 20.59
N ALA C 189 15.31 2.43 19.77
CA ALA C 189 16.62 2.81 19.20
C ALA C 189 16.46 4.01 18.27
N LYS C 190 15.27 4.21 17.71
CA LYS C 190 15.12 5.17 16.60
C LYS C 190 14.07 6.24 16.91
N ASP C 191 13.85 6.47 18.21
CA ASP C 191 12.89 7.43 18.66
C ASP C 191 13.13 8.78 17.99
N LEU C 192 12.06 9.37 17.43
CA LEU C 192 12.14 10.64 16.76
C LEU C 192 12.63 11.77 17.69
N HIS C 193 12.40 11.65 19.01
CA HIS C 193 12.67 12.73 19.97
C HIS C 193 14.00 12.50 20.71
N LEU C 194 14.78 11.52 20.28
CA LEU C 194 16.09 11.26 20.89
C LEU C 194 16.93 12.54 20.93
N GLY C 195 17.60 12.76 22.07
CA GLY C 195 18.50 13.91 22.19
C GLY C 195 17.81 15.20 22.57
N GLN C 196 16.48 15.23 22.58
CA GLN C 196 15.76 16.38 23.07
C GLN C 196 15.71 16.36 24.59
N LYS C 197 15.49 17.53 25.17
CA LYS C 197 15.51 17.69 26.63
C LYS C 197 14.21 17.15 27.24
N LEU C 198 14.37 16.38 28.31
CA LEU C 198 13.24 15.89 29.05
C LEU C 198 12.59 17.06 29.78
N GLY C 199 11.29 16.91 30.03
CA GLY C 199 10.53 17.86 30.79
C GLY C 199 9.41 17.19 31.59
N ILE C 200 8.90 17.94 32.55
CA ILE C 200 7.84 17.47 33.42
C ILE C 200 6.77 18.55 33.48
N ARG C 201 5.50 18.14 33.40
CA ARG C 201 4.42 19.08 33.68
C ARG C 201 3.51 18.47 34.73
N LEU C 202 3.05 19.32 35.64
CA LEU C 202 2.13 18.93 36.71
C LEU C 202 0.93 19.87 36.57
N VAL C 203 -0.22 19.30 36.21
CA VAL C 203 -1.29 20.07 35.63
C VAL C 203 -2.55 19.94 36.49
N ASN C 204 -3.15 21.11 36.77
CA ASN C 204 -4.50 21.24 37.33
C ASN C 204 -5.47 21.30 36.14
N LEU C 205 -6.41 20.35 36.09
CA LEU C 205 -7.28 20.16 34.92
C LEU C 205 -8.50 21.07 34.96
N LEU C 206 -8.76 21.71 36.12
CA LEU C 206 -9.93 22.57 36.32
C LEU C 206 -11.19 21.89 35.77
N GLN C 207 -11.45 20.66 36.19
CA GLN C 207 -12.60 19.90 35.68
C GLN C 207 -13.76 19.98 36.69
N ASP C 208 -13.48 20.53 37.88
CA ASP C 208 -14.42 20.65 38.98
C ASP C 208 -13.82 21.57 40.06
N LYS C 209 -14.63 21.87 41.08
CA LYS C 209 -14.28 22.72 42.25
C LYS C 209 -14.46 21.84 43.49
N PHE C 210 -13.75 22.08 44.59
CA PHE C 210 -12.73 23.10 44.78
C PHE C 210 -11.52 22.87 43.87
N SER C 211 -11.11 23.91 43.12
CA SER C 211 -10.22 23.75 41.99
C SER C 211 -8.77 24.14 42.34
N GLY C 212 -8.33 23.63 43.49
CA GLY C 212 -6.93 23.65 43.90
C GLY C 212 -6.40 22.24 44.04
N LEU C 213 -5.12 22.03 43.69
CA LEU C 213 -4.49 20.80 44.07
C LEU C 213 -3.01 21.00 44.36
N ASP C 214 -2.41 19.96 44.94
CA ASP C 214 -1.07 20.03 45.43
C ASP C 214 -0.26 18.91 44.81
N PHE C 215 1.04 19.15 44.65
CA PHE C 215 2.00 18.15 44.21
C PHE C 215 3.20 18.15 45.15
N ASP C 216 3.86 16.99 45.26
CA ASP C 216 5.10 16.89 46.03
C ASP C 216 5.93 15.74 45.50
N ASN C 217 7.24 15.81 45.82
CA ASN C 217 8.15 14.68 45.74
C ASN C 217 8.27 14.15 44.30
N VAL C 218 8.59 15.04 43.36
CA VAL C 218 8.76 14.63 42.00
C VAL C 218 10.07 13.85 41.87
N ARG C 219 9.99 12.68 41.23
CA ARG C 219 11.13 11.77 41.08
C ARG C 219 11.09 11.21 39.67
N LEU C 220 12.22 11.22 38.98
CA LEU C 220 12.33 10.67 37.64
C LEU C 220 13.56 9.76 37.60
N THR C 221 13.37 8.50 37.19
CA THR C 221 14.46 7.55 37.02
C THR C 221 14.53 7.08 35.57
N ALA C 222 15.73 6.67 35.17
CA ALA C 222 16.02 6.12 33.86
C ALA C 222 16.77 4.80 34.05
N GLU C 223 16.47 3.82 33.21
CA GLU C 223 17.08 2.52 33.32
C GLU C 223 17.23 1.94 31.92
N PRO C 224 18.44 1.48 31.53
CA PRO C 224 18.61 0.71 30.30
C PRO C 224 17.65 -0.48 30.25
N THR C 225 16.92 -0.60 29.15
CA THR C 225 15.84 -1.56 28.99
C THR C 225 16.37 -3.00 28.86
N SER D 27 24.90 6.47 -35.21
CA SER D 27 24.64 5.92 -33.84
C SER D 27 23.97 4.53 -33.86
N VAL D 28 23.35 4.15 -34.98
CA VAL D 28 22.74 2.84 -35.12
C VAL D 28 23.83 1.79 -35.34
N VAL D 29 23.73 0.70 -34.58
CA VAL D 29 24.74 -0.33 -34.56
C VAL D 29 24.08 -1.65 -34.98
N SER D 30 24.81 -2.51 -35.70
CA SER D 30 24.36 -3.87 -36.05
C SER D 30 24.83 -4.88 -35.01
N ILE D 31 23.91 -5.74 -34.57
CA ILE D 31 24.25 -6.82 -33.66
C ILE D 31 24.50 -8.06 -34.52
N PRO D 32 25.66 -8.72 -34.37
CA PRO D 32 25.97 -9.86 -35.23
C PRO D 32 25.02 -11.04 -35.01
N ILE D 33 24.58 -11.64 -36.12
CA ILE D 33 23.77 -12.84 -36.14
C ILE D 33 24.43 -13.87 -37.08
N ASN D 34 24.56 -15.12 -36.64
CA ASN D 34 25.17 -16.16 -37.51
C ASN D 34 24.14 -16.62 -38.56
N ASN D 35 24.58 -16.74 -39.82
CA ASN D 35 23.74 -17.32 -40.88
C ASN D 35 22.37 -16.63 -40.95
N ALA D 36 22.41 -15.28 -40.91
CA ALA D 36 21.28 -14.38 -40.70
C ALA D 36 20.35 -14.41 -41.91
N GLY D 37 20.91 -14.81 -43.06
CA GLY D 37 20.18 -14.95 -44.31
C GLY D 37 19.94 -16.38 -44.77
N PHE D 38 20.29 -17.35 -43.93
CA PHE D 38 20.18 -18.76 -44.27
C PHE D 38 20.95 -19.14 -45.55
N GLU D 39 22.06 -18.46 -45.82
CA GLU D 39 22.81 -18.70 -47.06
C GLU D 39 23.68 -19.95 -46.95
N ASP D 40 23.87 -20.46 -45.73
CA ASP D 40 24.63 -21.66 -45.43
C ASP D 40 23.61 -22.75 -45.05
N PRO D 41 23.64 -23.91 -45.73
CA PRO D 41 24.56 -24.31 -46.78
C PRO D 41 24.15 -23.78 -48.16
N PHE D 42 25.13 -23.69 -49.06
CA PHE D 42 24.87 -23.46 -50.48
C PHE D 42 24.00 -24.57 -51.05
N ILE D 43 23.03 -24.20 -51.88
CA ILE D 43 22.18 -25.11 -52.61
C ILE D 43 22.31 -24.81 -54.11
N GLU D 44 22.55 -25.85 -54.92
CA GLU D 44 22.86 -25.72 -56.35
C GLU D 44 21.60 -25.42 -57.18
N VAL D 45 20.55 -26.21 -56.97
CA VAL D 45 19.41 -26.28 -57.89
C VAL D 45 18.21 -25.50 -57.35
N VAL D 46 17.63 -24.64 -58.19
CA VAL D 46 16.48 -23.82 -57.82
C VAL D 46 15.35 -24.71 -57.26
N ASP D 47 14.90 -24.34 -56.05
CA ASP D 47 13.71 -24.91 -55.41
C ASP D 47 14.06 -26.23 -54.72
N ASP D 48 15.36 -26.57 -54.69
CA ASP D 48 15.88 -27.58 -53.81
C ASP D 48 15.99 -27.03 -52.37
N TYR D 49 16.23 -27.94 -51.41
CA TYR D 49 16.14 -27.59 -49.99
C TYR D 49 16.73 -28.70 -49.12
N THR D 50 17.12 -28.34 -47.88
CA THR D 50 17.61 -29.27 -46.90
C THR D 50 16.49 -29.58 -45.92
N VAL D 51 16.69 -30.62 -45.10
CA VAL D 51 15.69 -30.99 -44.12
C VAL D 51 16.32 -31.09 -42.73
N ASP D 52 17.47 -30.45 -42.55
CA ASP D 52 18.16 -30.38 -41.28
C ASP D 52 18.24 -28.92 -40.81
N THR D 53 18.26 -28.73 -39.50
CA THR D 53 18.39 -27.37 -38.92
C THR D 53 19.50 -26.56 -39.59
N PRO D 54 19.24 -25.32 -40.05
CA PRO D 54 20.30 -24.50 -40.61
C PRO D 54 21.45 -24.25 -39.63
N PRO D 55 22.69 -24.28 -40.14
CA PRO D 55 23.86 -23.89 -39.35
C PRO D 55 23.68 -22.54 -38.64
N GLY D 56 24.09 -22.49 -37.37
CA GLY D 56 24.01 -21.31 -36.53
C GLY D 56 22.67 -21.12 -35.84
N TRP D 57 21.66 -21.90 -36.21
CA TRP D 57 20.34 -21.90 -35.62
C TRP D 57 20.12 -23.22 -34.90
N THR D 58 19.17 -23.23 -33.96
CA THR D 58 18.63 -24.45 -33.40
C THR D 58 17.14 -24.49 -33.73
N THR D 59 16.55 -25.68 -33.56
CA THR D 59 15.14 -25.91 -33.78
C THR D 59 14.40 -25.58 -32.48
N TYR D 60 13.60 -24.52 -32.51
CA TYR D 60 12.72 -24.18 -31.42
C TYR D 60 11.53 -25.13 -31.44
N ASN D 61 11.39 -25.95 -30.39
CA ASN D 61 10.57 -27.13 -30.44
C ASN D 61 9.83 -27.33 -29.11
N PRO D 62 9.07 -26.33 -28.62
CA PRO D 62 8.47 -26.44 -27.30
C PRO D 62 7.37 -27.49 -27.17
N ASN D 63 6.81 -27.95 -28.28
CA ASN D 63 5.71 -28.91 -28.28
C ASN D 63 6.10 -30.22 -28.98
N ASN D 64 7.40 -30.42 -29.21
CA ASN D 64 7.89 -31.67 -29.74
C ASN D 64 7.32 -32.03 -31.11
N LEU D 65 7.02 -31.02 -31.95
CA LEU D 65 6.39 -31.29 -33.24
C LEU D 65 7.45 -31.70 -34.27
N VAL D 66 8.70 -31.30 -34.10
CA VAL D 66 9.71 -31.59 -35.12
C VAL D 66 10.61 -32.70 -34.60
N PRO D 67 10.68 -33.88 -35.28
CA PRO D 67 11.56 -34.96 -34.82
C PRO D 67 13.03 -34.71 -35.15
N GLU D 68 13.92 -35.38 -34.40
CA GLU D 68 15.36 -35.20 -34.56
C GLU D 68 15.76 -35.70 -35.95
N LYS D 69 15.08 -36.76 -36.39
CA LYS D 69 15.30 -37.37 -37.67
C LYS D 69 14.12 -37.06 -38.57
N ARG D 70 14.39 -36.26 -39.61
CA ARG D 70 13.36 -35.70 -40.48
C ARG D 70 13.38 -36.40 -41.83
N THR D 71 12.24 -36.37 -42.50
CA THR D 71 12.17 -36.58 -43.93
C THR D 71 11.56 -35.32 -44.58
N THR D 72 11.23 -35.45 -45.88
CA THR D 72 10.36 -34.52 -46.59
C THR D 72 8.89 -34.60 -46.13
N TRP D 73 8.47 -35.66 -45.41
CA TRP D 73 7.03 -35.82 -45.04
C TRP D 73 6.75 -35.80 -43.52
N THR D 74 7.79 -35.67 -42.68
CA THR D 74 7.59 -35.29 -41.28
C THR D 74 7.53 -33.76 -41.23
N SER D 75 7.21 -33.20 -40.06
CA SER D 75 7.57 -31.83 -39.80
C SER D 75 9.09 -31.70 -40.00
N ASN D 76 9.52 -30.55 -40.53
CA ASN D 76 10.95 -30.35 -40.73
C ASN D 76 11.27 -28.85 -40.83
N ASN D 77 12.58 -28.58 -40.87
CA ASN D 77 13.07 -27.24 -41.19
C ASN D 77 14.40 -27.40 -41.92
N GLY D 78 14.89 -26.28 -42.45
CA GLY D 78 16.01 -26.32 -43.35
C GLY D 78 16.10 -25.02 -44.13
N VAL D 79 16.89 -25.05 -45.19
CA VAL D 79 17.00 -23.91 -46.08
C VAL D 79 16.52 -24.34 -47.47
N GLY D 80 16.06 -23.35 -48.24
CA GLY D 80 15.57 -23.57 -49.60
C GLY D 80 16.09 -22.48 -50.51
N TYR D 81 16.41 -22.86 -51.75
CA TYR D 81 16.93 -21.92 -52.74
C TYR D 81 15.76 -21.36 -53.54
N VAL D 82 15.46 -20.08 -53.29
CA VAL D 82 14.42 -19.37 -54.01
C VAL D 82 15.12 -18.54 -55.10
N GLY D 83 15.46 -19.23 -56.19
CA GLY D 83 16.20 -18.66 -57.29
C GLY D 83 15.36 -18.45 -58.55
N PRO D 84 16.01 -18.11 -59.69
CA PRO D 84 15.29 -17.67 -60.89
C PRO D 84 14.26 -18.70 -61.36
N GLY D 85 13.03 -18.24 -61.57
CA GLY D 85 11.91 -19.07 -62.00
C GLY D 85 11.33 -19.96 -60.92
N THR D 86 11.56 -19.61 -59.65
CA THR D 86 11.00 -20.41 -58.54
C THR D 86 9.51 -20.63 -58.76
N GLN D 87 9.04 -21.84 -58.43
CA GLN D 87 7.63 -22.19 -58.54
C GLN D 87 6.80 -21.67 -57.35
N PHE D 88 7.43 -21.18 -56.28
CA PHE D 88 6.64 -20.96 -55.03
C PHE D 88 6.34 -19.49 -54.71
N TYR D 89 7.00 -18.56 -55.41
CA TYR D 89 6.95 -17.13 -55.09
C TYR D 89 6.87 -16.33 -56.39
N ASN D 90 6.39 -15.09 -56.27
CA ASN D 90 6.36 -14.11 -57.33
C ASN D 90 7.65 -13.26 -57.33
N GLN D 91 8.65 -13.64 -56.53
CA GLN D 91 9.88 -12.87 -56.35
C GLN D 91 11.02 -13.83 -55.98
N LEU D 92 12.28 -13.39 -56.11
CA LEU D 92 13.45 -14.12 -55.58
C LEU D 92 13.47 -14.04 -54.04
N ALA D 93 14.45 -14.69 -53.40
CA ALA D 93 14.66 -14.60 -51.95
C ALA D 93 14.76 -13.12 -51.61
N PRO D 94 14.27 -12.67 -50.43
CA PRO D 94 14.53 -11.30 -49.98
C PRO D 94 16.02 -10.96 -50.02
N GLU D 95 16.88 -11.94 -49.73
CA GLU D 95 18.28 -11.71 -49.63
C GLU D 95 18.99 -12.97 -50.11
N GLY D 96 20.01 -12.76 -50.95
CA GLY D 96 20.83 -13.86 -51.46
C GLY D 96 20.02 -14.89 -52.21
N ARG D 97 20.44 -16.15 -52.04
CA ARG D 97 19.84 -17.26 -52.73
C ARG D 97 18.71 -17.91 -51.91
N ASN D 98 18.89 -18.00 -50.58
CA ASN D 98 18.15 -18.96 -49.79
C ASN D 98 17.22 -18.25 -48.80
N ILE D 99 16.20 -19.01 -48.39
CA ILE D 99 15.38 -18.73 -47.24
C ILE D 99 15.54 -19.88 -46.24
N GLY D 100 15.06 -19.64 -45.02
CA GLY D 100 14.88 -20.71 -44.05
C GLY D 100 13.41 -21.06 -43.95
N TYR D 101 13.07 -22.36 -43.94
CA TYR D 101 11.65 -22.73 -43.85
C TYR D 101 11.39 -23.63 -42.65
N ILE D 102 10.13 -23.61 -42.18
CA ILE D 102 9.61 -24.51 -41.19
C ILE D 102 8.27 -25.03 -41.70
N TYR D 103 8.13 -26.36 -41.75
CA TYR D 103 6.92 -27.01 -42.19
C TYR D 103 6.47 -27.97 -41.08
N LEU D 104 5.22 -27.80 -40.64
CA LEU D 104 4.64 -28.61 -39.57
C LEU D 104 3.53 -29.49 -40.15
N ALA D 105 3.66 -30.81 -39.94
CA ALA D 105 2.77 -31.78 -40.53
C ALA D 105 1.53 -31.97 -39.67
N GLN D 106 1.65 -31.69 -38.37
CA GLN D 106 0.56 -31.91 -37.43
C GLN D 106 -0.60 -30.96 -37.75
N LYS D 107 -1.78 -31.28 -37.20
CA LYS D 107 -2.96 -30.51 -37.53
C LYS D 107 -2.93 -29.15 -36.81
N PRO D 108 -3.66 -28.14 -37.32
CA PRO D 108 -3.67 -26.81 -36.72
C PRO D 108 -4.05 -26.86 -35.24
N GLY D 109 -3.36 -26.09 -34.39
CA GLY D 109 -3.61 -26.08 -32.95
C GLY D 109 -2.72 -27.04 -32.19
N SER D 110 -1.88 -27.84 -32.86
CA SER D 110 -1.06 -28.82 -32.16
C SER D 110 0.09 -28.20 -31.36
N GLY D 111 0.43 -26.92 -31.63
CA GLY D 111 1.56 -26.24 -30.99
C GLY D 111 2.34 -25.41 -32.01
N VAL D 112 3.59 -25.04 -31.68
CA VAL D 112 4.39 -24.21 -32.55
C VAL D 112 5.82 -24.78 -32.62
N ALA D 113 6.56 -24.36 -33.64
CA ALA D 113 7.95 -24.65 -33.72
C ALA D 113 8.58 -23.64 -34.67
N GLY D 114 9.90 -23.55 -34.63
CA GLY D 114 10.59 -22.78 -35.62
C GLY D 114 12.08 -22.79 -35.40
N PHE D 115 12.69 -21.60 -35.54
CA PHE D 115 14.14 -21.44 -35.37
C PHE D 115 14.40 -20.56 -34.16
N GLU D 116 15.56 -20.78 -33.53
CA GLU D 116 16.05 -19.97 -32.41
C GLU D 116 17.55 -19.80 -32.59
N GLN D 117 18.04 -18.60 -32.26
CA GLN D 117 19.46 -18.36 -32.13
C GLN D 117 19.68 -17.44 -30.93
N ILE D 118 20.59 -17.88 -30.05
CA ILE D 118 21.05 -17.03 -28.97
C ILE D 118 22.31 -16.29 -29.42
N LEU D 119 22.35 -14.98 -29.19
CA LEU D 119 23.43 -14.14 -29.66
C LEU D 119 24.50 -13.99 -28.57
N ASP D 120 25.65 -13.44 -28.98
CA ASP D 120 26.74 -13.13 -28.07
C ASP D 120 26.52 -11.79 -27.38
N ALA D 121 25.82 -10.85 -28.02
CA ALA D 121 25.58 -9.57 -27.41
C ALA D 121 24.53 -9.72 -26.32
N THR D 122 24.64 -8.90 -25.27
CA THR D 122 23.70 -8.96 -24.16
C THR D 122 22.88 -7.66 -24.12
N LEU D 123 21.75 -7.71 -23.39
CA LEU D 123 20.85 -6.56 -23.28
C LEU D 123 21.53 -5.41 -22.54
N GLU D 124 21.49 -4.23 -23.16
CA GLU D 124 22.10 -3.02 -22.67
C GLU D 124 21.01 -2.01 -22.31
N PRO D 125 21.22 -1.15 -21.30
CA PRO D 125 20.21 -0.18 -20.89
C PRO D 125 20.06 0.98 -21.88
N ASP D 126 18.91 1.67 -21.77
CA ASP D 126 18.60 2.90 -22.53
C ASP D 126 18.89 2.71 -24.01
N THR D 127 18.43 1.55 -24.52
CA THR D 127 18.69 1.20 -25.89
C THR D 127 17.37 0.83 -26.57
N ASN D 128 17.23 1.28 -27.81
CA ASN D 128 16.16 0.93 -28.73
C ASN D 128 16.67 -0.19 -29.65
N TYR D 129 16.10 -1.39 -29.48
CA TYR D 129 16.37 -2.54 -30.33
C TYR D 129 15.31 -2.64 -31.42
N THR D 130 15.78 -2.91 -32.65
CA THR D 130 14.93 -3.12 -33.81
C THR D 130 15.34 -4.43 -34.47
N LEU D 131 14.40 -5.38 -34.47
CA LEU D 131 14.55 -6.68 -35.10
C LEU D 131 13.66 -6.71 -36.33
N LYS D 132 14.25 -7.03 -37.48
CA LYS D 132 13.52 -7.15 -38.72
C LYS D 132 13.78 -8.54 -39.31
N VAL D 133 12.72 -9.12 -39.86
CA VAL D 133 12.75 -10.37 -40.57
C VAL D 133 11.74 -10.33 -41.71
N ASP D 134 12.14 -10.85 -42.88
CA ASP D 134 11.18 -11.04 -43.98
C ASP D 134 10.52 -12.40 -43.84
N VAL D 135 9.19 -12.40 -43.95
CA VAL D 135 8.35 -13.55 -43.70
C VAL D 135 7.64 -13.87 -45.02
N GLY D 136 7.71 -15.15 -45.44
CA GLY D 136 7.20 -15.56 -46.73
C GLY D 136 6.02 -16.50 -46.62
N ASN D 137 5.01 -16.26 -47.47
CA ASN D 137 3.84 -17.08 -47.63
C ASN D 137 3.93 -17.84 -48.97
N LEU D 138 4.28 -19.13 -48.92
CA LEU D 138 4.48 -19.97 -50.11
C LEU D 138 3.21 -20.06 -50.95
N ALA D 139 3.34 -20.05 -52.27
CA ALA D 139 2.18 -20.17 -53.14
C ALA D 139 2.39 -21.34 -54.12
N GLY D 140 1.32 -21.69 -54.82
CA GLY D 140 1.43 -22.66 -55.89
C GLY D 140 0.94 -24.02 -55.43
N THR D 141 1.29 -25.04 -56.23
CA THR D 141 0.70 -26.38 -56.18
C THR D 141 1.77 -27.32 -56.70
N PHE D 142 2.18 -28.31 -55.89
CA PHE D 142 3.37 -29.08 -56.18
C PHE D 142 3.16 -30.57 -55.85
N LYS D 143 2.94 -31.36 -56.90
CA LYS D 143 2.70 -32.81 -56.80
C LYS D 143 1.28 -33.05 -56.27
N GLY D 144 0.34 -32.20 -56.70
CA GLY D 144 -1.06 -32.21 -56.25
C GLY D 144 -1.29 -31.59 -54.88
N LEU D 145 -0.23 -31.07 -54.23
CA LEU D 145 -0.42 -30.37 -52.97
C LEU D 145 -0.60 -28.88 -53.24
N SER D 146 -1.65 -28.28 -52.68
CA SER D 146 -1.81 -26.83 -52.72
C SER D 146 -1.04 -26.21 -51.55
N PHE D 147 -0.28 -25.15 -51.82
CA PHE D 147 0.32 -24.31 -50.80
C PHE D 147 -0.55 -23.09 -50.48
N ALA D 148 -1.83 -23.09 -50.87
CA ALA D 148 -2.70 -22.02 -50.49
C ALA D 148 -2.85 -22.05 -48.96
N GLY D 149 -3.01 -20.88 -48.37
CA GLY D 149 -3.18 -20.72 -46.91
C GLY D 149 -1.82 -20.48 -46.23
N PHE D 150 -1.87 -20.16 -44.94
CA PHE D 150 -0.71 -19.66 -44.25
C PHE D 150 -0.88 -20.04 -42.79
N PRO D 151 0.16 -20.53 -42.09
CA PRO D 151 -0.03 -20.93 -40.69
C PRO D 151 0.03 -19.82 -39.64
N GLY D 152 0.39 -18.58 -40.02
CA GLY D 152 0.62 -17.54 -39.02
C GLY D 152 2.07 -17.61 -38.57
N TYR D 153 2.64 -16.46 -38.20
CA TYR D 153 4.02 -16.41 -37.79
C TYR D 153 4.10 -15.68 -36.45
N ARG D 154 5.23 -15.85 -35.77
CA ARG D 154 5.62 -14.96 -34.67
C ARG D 154 7.12 -14.76 -34.72
N VAL D 155 7.52 -13.49 -34.63
CA VAL D 155 8.92 -13.13 -34.51
C VAL D 155 9.15 -12.63 -33.08
N GLU D 156 10.16 -13.19 -32.39
CA GLU D 156 10.42 -12.87 -31.00
C GLU D 156 11.83 -12.32 -30.82
N LEU D 157 11.97 -11.29 -29.98
CA LEU D 157 13.29 -10.81 -29.50
C LEU D 157 13.38 -11.21 -28.02
N LEU D 158 14.46 -11.93 -27.68
CA LEU D 158 14.66 -12.50 -26.38
C LEU D 158 15.77 -11.76 -25.61
N ALA D 159 15.68 -11.78 -24.27
CA ALA D 159 16.86 -11.66 -23.40
C ALA D 159 16.81 -12.81 -22.41
N GLY D 160 17.84 -13.65 -22.42
CA GLY D 160 17.73 -14.88 -21.65
C GLY D 160 16.60 -15.72 -22.18
N ASP D 161 15.73 -16.24 -21.32
CA ASP D 161 14.58 -16.97 -21.82
C ASP D 161 13.31 -16.12 -21.77
N THR D 162 13.44 -14.80 -21.63
CA THR D 162 12.28 -13.90 -21.65
C THR D 162 12.07 -13.32 -23.05
N VAL D 163 10.82 -13.35 -23.49
CA VAL D 163 10.42 -12.67 -24.74
C VAL D 163 10.19 -11.20 -24.39
N LEU D 164 11.17 -10.35 -24.74
CA LEU D 164 11.04 -8.91 -24.52
C LEU D 164 9.91 -8.34 -25.36
N ALA D 165 9.91 -8.69 -26.65
CA ALA D 165 8.97 -8.10 -27.61
C ALA D 165 8.69 -9.11 -28.71
N ALA D 166 7.48 -9.09 -29.27
CA ALA D 166 7.18 -10.02 -30.37
C ALA D 166 6.07 -9.46 -31.25
N ASP D 167 6.22 -9.73 -32.56
CA ASP D 167 5.15 -9.61 -33.53
C ASP D 167 4.49 -10.98 -33.72
N HIS D 168 3.28 -11.11 -33.18
CA HIS D 168 2.46 -12.29 -33.37
C HIS D 168 1.48 -12.01 -34.51
N ASN D 169 1.93 -12.32 -35.72
CA ASN D 169 1.06 -12.42 -36.88
C ASN D 169 0.32 -11.14 -37.23
N ASN D 170 0.94 -9.95 -37.11
CA ASN D 170 0.25 -8.71 -37.42
C ASN D 170 0.21 -8.39 -38.92
N LEU D 171 1.16 -8.90 -39.70
CA LEU D 171 1.20 -8.56 -41.13
C LEU D 171 0.23 -9.45 -41.91
N PHE D 172 -0.40 -8.87 -42.92
CA PHE D 172 -1.11 -9.63 -43.90
C PHE D 172 -0.14 -9.97 -45.04
N ILE D 173 0.10 -11.27 -45.26
CA ILE D 173 1.05 -11.67 -46.29
C ILE D 173 0.31 -12.44 -47.39
N LYS D 174 0.32 -11.86 -48.58
CA LYS D 174 -0.36 -12.46 -49.75
C LYS D 174 0.40 -13.72 -50.20
N GLU D 175 -0.31 -14.62 -50.86
CA GLU D 175 0.27 -15.85 -51.41
C GLU D 175 1.42 -15.46 -52.35
N GLY D 176 2.59 -16.05 -52.14
CA GLY D 176 3.71 -15.89 -53.04
C GLY D 176 4.52 -14.63 -52.78
N GLU D 177 4.33 -13.97 -51.63
CA GLU D 177 5.20 -12.82 -51.32
C GLU D 177 5.83 -12.93 -49.94
N PHE D 178 6.89 -12.13 -49.75
CA PHE D 178 7.52 -11.85 -48.47
C PHE D 178 7.12 -10.44 -48.02
N LYS D 179 7.00 -10.24 -46.70
CA LYS D 179 6.80 -8.92 -46.11
C LYS D 179 7.70 -8.81 -44.87
N THR D 180 8.23 -7.62 -44.59
CA THR D 180 9.11 -7.44 -43.47
C THR D 180 8.34 -7.25 -42.16
N SER D 181 8.61 -8.11 -41.17
CA SER D 181 8.17 -7.94 -39.78
C SER D 181 9.20 -7.10 -39.01
N THR D 182 8.71 -6.14 -38.22
CA THR D 182 9.54 -5.30 -37.35
C THR D 182 9.11 -5.49 -35.90
N VAL D 183 10.09 -5.80 -35.06
CA VAL D 183 9.86 -6.03 -33.64
C VAL D 183 10.77 -5.05 -32.90
N THR D 184 10.19 -4.33 -31.94
CA THR D 184 10.93 -3.28 -31.25
C THR D 184 10.88 -3.50 -29.73
N TYR D 185 12.01 -3.25 -29.07
CA TYR D 185 12.07 -3.20 -27.62
C TYR D 185 12.95 -2.04 -27.17
N THR D 186 12.50 -1.38 -26.10
CA THR D 186 13.27 -0.29 -25.46
C THR D 186 13.56 -0.70 -24.01
N SER D 187 14.85 -0.79 -23.71
CA SER D 187 15.31 -1.09 -22.39
C SER D 187 15.39 0.20 -21.57
N THR D 188 15.21 0.03 -20.26
CA THR D 188 15.40 1.08 -19.28
C THR D 188 16.70 0.84 -18.52
N ALA D 189 17.05 1.78 -17.63
CA ALA D 189 18.30 1.78 -16.88
C ALA D 189 18.32 0.62 -15.88
N LYS D 190 17.16 0.18 -15.40
CA LYS D 190 17.08 -0.79 -14.35
C LYS D 190 16.45 -2.09 -14.85
N ASP D 191 16.44 -2.32 -16.16
CA ASP D 191 15.83 -3.51 -16.70
C ASP D 191 16.34 -4.77 -15.99
N LEU D 192 15.41 -5.61 -15.57
CA LEU D 192 15.72 -6.83 -14.89
C LEU D 192 16.63 -7.71 -15.75
N HIS D 193 16.55 -7.59 -17.08
CA HIS D 193 17.25 -8.55 -17.95
C HIS D 193 18.58 -8.03 -18.50
N LEU D 194 19.05 -6.89 -18.02
CA LEU D 194 20.31 -6.35 -18.50
C LEU D 194 21.40 -7.41 -18.31
N GLY D 195 22.29 -7.55 -19.28
CA GLY D 195 23.41 -8.51 -19.18
C GLY D 195 23.03 -9.93 -19.60
N GLN D 196 21.76 -10.22 -19.85
CA GLN D 196 21.33 -11.48 -20.40
C GLN D 196 21.53 -11.47 -21.93
N LYS D 197 21.81 -12.66 -22.48
CA LYS D 197 22.05 -12.78 -23.91
C LYS D 197 20.77 -12.45 -24.69
N LEU D 198 20.94 -11.63 -25.74
CA LEU D 198 19.88 -11.42 -26.72
C LEU D 198 19.68 -12.73 -27.50
N GLY D 199 18.45 -12.92 -27.96
CA GLY D 199 18.06 -14.06 -28.76
C GLY D 199 16.94 -13.70 -29.73
N ILE D 200 16.76 -14.57 -30.74
CA ILE D 200 15.74 -14.44 -31.75
C ILE D 200 15.02 -15.77 -31.93
N ARG D 201 13.69 -15.74 -32.01
CA ARG D 201 12.92 -16.87 -32.44
C ARG D 201 12.09 -16.48 -33.66
N LEU D 202 11.94 -17.42 -34.59
CA LEU D 202 11.16 -17.28 -35.79
C LEU D 202 10.20 -18.46 -35.76
N VAL D 203 8.90 -18.19 -35.60
CA VAL D 203 7.97 -19.22 -35.16
C VAL D 203 6.84 -19.39 -36.18
N ASN D 204 6.60 -20.67 -36.50
CA ASN D 204 5.46 -21.17 -37.26
C ASN D 204 4.37 -21.49 -36.23
N LEU D 205 3.24 -20.77 -36.32
CA LEU D 205 2.17 -20.82 -35.32
C LEU D 205 1.23 -22.01 -35.51
N LEU D 206 1.29 -22.65 -36.68
CA LEU D 206 0.42 -23.77 -37.05
C LEU D 206 -1.05 -23.45 -36.71
N GLN D 207 -1.56 -22.30 -37.17
CA GLN D 207 -2.96 -21.92 -36.86
C GLN D 207 -3.88 -22.28 -38.03
N ASP D 208 -3.30 -22.73 -39.15
CA ASP D 208 -4.01 -23.07 -40.37
C ASP D 208 -3.01 -23.78 -41.29
N LYS D 209 -3.52 -24.30 -42.41
CA LYS D 209 -2.77 -24.90 -43.52
C LYS D 209 -2.99 -24.10 -44.80
N PHE D 210 -2.06 -24.14 -45.76
CA PHE D 210 -0.86 -24.94 -45.76
C PHE D 210 0.10 -24.44 -44.66
N SER D 211 0.71 -25.35 -43.90
CA SER D 211 1.37 -24.91 -42.65
C SER D 211 2.89 -24.98 -42.77
N GLY D 212 3.40 -24.40 -43.87
CA GLY D 212 4.81 -24.09 -44.07
C GLY D 212 5.00 -22.58 -44.15
N LEU D 213 6.14 -22.07 -43.65
CA LEU D 213 6.46 -20.67 -43.94
C LEU D 213 7.96 -20.49 -43.93
N ASP D 214 8.33 -19.37 -44.54
CA ASP D 214 9.71 -19.04 -44.80
C ASP D 214 10.08 -17.77 -44.04
N PHE D 215 11.37 -17.66 -43.71
CA PHE D 215 11.96 -16.46 -43.22
C PHE D 215 13.25 -16.14 -43.99
N ASP D 216 13.64 -14.87 -44.01
CA ASP D 216 14.94 -14.48 -44.56
C ASP D 216 15.37 -13.14 -43.96
N ASN D 217 16.66 -12.85 -44.08
CA ASN D 217 17.25 -11.55 -43.88
C ASN D 217 16.97 -11.04 -42.46
N VAL D 218 17.40 -11.81 -41.47
CA VAL D 218 17.24 -11.41 -40.10
C VAL D 218 18.28 -10.32 -39.80
N ARG D 219 17.83 -9.21 -39.24
CA ARG D 219 18.74 -8.13 -38.89
C ARG D 219 18.34 -7.54 -37.54
N LEU D 220 19.33 -7.24 -36.70
CA LEU D 220 19.02 -6.65 -35.39
C LEU D 220 19.94 -5.46 -35.18
N THR D 221 19.33 -4.29 -34.95
CA THR D 221 20.08 -3.07 -34.64
C THR D 221 19.80 -2.57 -33.22
N ALA D 222 20.72 -1.73 -32.74
CA ALA D 222 20.61 -1.08 -31.43
C ALA D 222 21.01 0.38 -31.60
N GLU D 223 20.31 1.26 -30.89
CA GLU D 223 20.68 2.66 -30.89
C GLU D 223 20.29 3.28 -29.56
N PRO D 224 20.93 4.40 -29.16
CA PRO D 224 20.64 5.02 -27.89
C PRO D 224 19.21 5.56 -27.93
N THR D 225 18.49 5.36 -26.84
CA THR D 225 17.12 5.75 -26.76
C THR D 225 16.98 7.29 -26.87
CA CA E . -11.78 -8.15 17.92
CA CA F . 5.23 -0.84 14.33
C TRS G . -9.32 -3.01 0.69
C1 TRS G . -7.84 -3.32 1.05
C2 TRS G . -9.52 -2.91 -0.83
C3 TRS G . -9.65 -1.73 1.47
N TRS G . -10.31 -4.02 1.13
O1 TRS G . -7.49 -4.68 0.74
O2 TRS G . -8.52 -2.05 -1.44
O3 TRS G . -10.71 -0.98 0.90
CAM 9BF H . -1.41 -1.66 7.42
CAK 9BF H . -2.17 -0.42 7.92
OAL 9BF H . -1.69 0.39 8.71
CAJ 9BF H . -3.65 -0.33 7.67
CAI 9BF H . -4.35 -1.66 7.77
CAG 9BF H . -4.20 -2.41 9.10
CAE 9BF H . -4.46 -3.74 9.25
CAF 9BF H . -4.82 -4.70 8.37
CAA 9BF H . -5.01 -6.02 8.80
CAB 9BF H . -4.78 -6.34 10.16
CAC 9BF H . -4.37 -5.30 11.00
CAD 9BF H . -4.20 -4.05 10.53
NAH 9BF H . -3.88 -2.89 11.15
CAN 9BF H . -3.85 -1.88 10.29
C1 GOL I . -15.41 -5.55 3.67
O1 GOL I . -16.57 -6.24 4.12
C2 GOL I . -14.31 -6.56 3.51
O2 GOL I . -14.69 -7.33 2.37
C3 GOL I . -12.98 -5.86 3.30
O3 GOL I . -12.26 -6.37 2.19
CA CA J . -11.61 5.23 -19.67
CA CA K . 5.91 2.34 -13.67
CAM 9BF L . -1.32 1.39 -7.92
CAK 9BF L . -1.76 0.11 -8.63
OAL 9BF L . -1.04 -0.42 -9.48
CAJ 9BF L . -3.16 -0.41 -8.40
CAI 9BF L . -4.16 0.73 -8.48
CAG 9BF L . -4.08 1.50 -9.83
CAE 9BF L . -4.71 2.67 -10.03
CAF 9BF L . -5.47 3.43 -9.21
CAA 9BF L . -6.00 4.64 -9.69
CAB 9BF L . -5.73 5.04 -11.01
CAC 9BF L . -4.92 4.21 -11.80
CAD 9BF L . -4.46 3.04 -11.29
NAH 9BF L . -3.70 2.08 -11.85
CAN 9BF L . -3.47 1.12 -10.97
C1 PEG M . -5.72 6.17 -33.61
O1 PEG M . -6.66 6.86 -32.79
C2 PEG M . -4.51 5.90 -32.73
O2 PEG M . -3.37 5.52 -33.50
C3 PEG M . -2.09 5.52 -32.84
C4 PEG M . -1.98 6.66 -31.82
O4 PEG M . -0.64 6.81 -31.38
CA CA N . 8.04 18.46 49.80
CA CA O . -10.70 18.85 47.99
CAM 9BF P . -5.83 26.29 49.12
CAK 9BF P . -4.81 27.25 49.74
OAL 9BF P . -4.82 27.61 50.92
CAJ 9BF P . -3.73 27.67 48.75
CAI 9BF P . -2.41 27.47 49.48
CAG 9BF P . -2.24 25.97 49.77
CAE 9BF P . -1.66 25.50 50.88
CAF 9BF P . -1.18 26.14 51.96
CAA 9BF P . -0.65 25.38 52.99
CAB 9BF P . -0.66 23.99 52.88
CAC 9BF P . -1.18 23.39 51.74
CAD 9BF P . -1.67 24.17 50.77
NAH 9BF P . -2.24 23.83 49.60
CAN 9BF P . -2.58 24.96 48.97
CA CA Q . 18.78 -15.27 -47.78
CA CA R . 0.50 -20.22 -48.77
C TRS S . 24.52 1.12 -26.65
C1 TRS S . 25.99 0.92 -26.31
C2 TRS S . 24.11 0.56 -28.02
C3 TRS S . 24.24 2.62 -26.57
N TRS S . 23.75 0.44 -25.57
O1 TRS S . 26.25 1.29 -24.92
O2 TRS S . 24.92 1.12 -29.07
O3 TRS S . 22.86 2.93 -26.64
CAM 9BF T . 7.19 -26.99 -49.59
CAK 9BF T . 7.88 -26.79 -48.23
OAL 9BF T . 7.35 -26.20 -47.28
CAJ 9BF T . 9.27 -27.42 -48.11
CAI 9BF T . 10.23 -26.87 -49.15
CAG 9BF T . 10.27 -25.31 -49.16
CAE 9BF T . 10.97 -24.65 -50.10
CAF 9BF T . 11.72 -25.08 -51.13
CAA 9BF T . 12.34 -24.15 -51.96
CAB 9BF T . 12.16 -22.79 -51.72
CAC 9BF T . 11.36 -22.42 -50.63
CAD 9BF T . 10.79 -23.34 -49.85
NAH 9BF T . 9.98 -23.22 -48.78
CAN 9BF T . 9.68 -24.44 -48.32
#